data_3VG8
#
_entry.id   3VG8
#
_cell.length_a   154.977
_cell.length_b   100.160
_cell.length_c   106.366
_cell.angle_alpha   90.00
_cell.angle_beta   131.19
_cell.angle_gamma   90.00
#
_symmetry.space_group_name_H-M   'C 1 2 1'
#
loop_
_entity.id
_entity.type
_entity.pdbx_description
1 polymer 'Hypothetical Protein TTHB210'
2 water water
#
_entity_poly.entity_id   1
_entity_poly.type   'polypeptide(L)'
_entity_poly.pdbx_seq_one_letter_code
;(MSE)NVSEALKGALPNFIPGLGTLYVDPSTLPEGPFLAYDRAGNLVKVVF(MSE)VPLKKLNESHKYVDIGTKTLRALG
ITRIDHVN(MSE)IPSGPHPGVSEPHYHIELVLVSVDQERKVLEGEPY
;
_entity_poly.pdbx_strand_id   G,H,I,J,A,B,C,D,E,F
#
# COMPACT_ATOMS: atom_id res chain seq x y z
N GLY A 9 21.62 -16.62 -35.40
CA GLY A 9 21.82 -15.70 -34.24
C GLY A 9 21.78 -16.40 -32.90
N ALA A 10 20.61 -17.00 -32.59
CA ALA A 10 20.37 -17.72 -31.34
C ALA A 10 18.89 -18.13 -31.28
N LEU A 11 18.25 -18.07 -32.43
CA LEU A 11 16.83 -18.40 -32.60
C LEU A 11 16.31 -19.62 -31.88
N PRO A 12 15.14 -19.51 -31.22
CA PRO A 12 14.56 -20.64 -30.51
C PRO A 12 13.89 -21.63 -31.48
N ASN A 13 13.53 -22.81 -31.00
CA ASN A 13 12.90 -23.83 -31.83
C ASN A 13 11.56 -23.45 -32.44
N PHE A 14 11.52 -23.40 -33.78
CA PHE A 14 10.32 -23.05 -34.54
C PHE A 14 9.15 -23.94 -34.12
N ILE A 15 7.96 -23.36 -34.04
CA ILE A 15 6.77 -24.12 -33.65
C ILE A 15 5.70 -24.02 -34.74
N PRO A 16 5.13 -25.16 -35.17
CA PRO A 16 4.10 -25.13 -36.20
C PRO A 16 2.89 -24.32 -35.75
N GLY A 17 2.48 -23.34 -36.56
CA GLY A 17 1.35 -22.51 -36.20
C GLY A 17 1.73 -21.32 -35.34
N LEU A 18 2.91 -21.37 -34.71
CA LEU A 18 3.39 -20.29 -33.87
C LEU A 18 4.68 -19.65 -34.37
N GLY A 19 5.44 -20.40 -35.17
CA GLY A 19 6.69 -19.87 -35.68
C GLY A 19 7.73 -19.81 -34.58
N THR A 20 8.62 -18.82 -34.68
CA THR A 20 9.66 -18.61 -33.68
C THR A 20 9.06 -17.67 -32.62
N LEU A 21 8.76 -18.21 -31.43
CA LEU A 21 8.19 -17.42 -30.33
C LEU A 21 9.19 -16.78 -29.40
N TYR A 22 9.02 -15.49 -29.16
CA TYR A 22 9.86 -14.77 -28.22
C TYR A 22 8.90 -14.15 -27.21
N VAL A 23 9.34 -14.01 -25.98
CA VAL A 23 8.52 -13.36 -24.95
C VAL A 23 9.44 -12.90 -23.82
N ASP A 24 9.14 -11.74 -23.24
CA ASP A 24 9.90 -11.20 -22.11
C ASP A 24 9.35 -12.01 -20.96
N PRO A 25 10.19 -12.83 -20.30
CA PRO A 25 9.67 -13.63 -19.19
C PRO A 25 9.05 -12.86 -18.05
N SER A 26 9.53 -11.65 -17.77
CA SER A 26 8.94 -10.89 -16.68
C SER A 26 7.47 -10.59 -16.95
N THR A 27 7.02 -10.76 -18.20
CA THR A 27 5.62 -10.50 -18.52
C THR A 27 4.73 -11.75 -18.64
N LEU A 28 5.27 -12.93 -18.30
CA LEU A 28 4.45 -14.13 -18.35
C LEU A 28 3.36 -14.00 -17.29
N PRO A 29 2.26 -14.74 -17.43
CA PRO A 29 2.01 -15.69 -18.52
C PRO A 29 1.41 -15.10 -19.79
N GLU A 30 0.74 -13.95 -19.70
CA GLU A 30 0.10 -13.33 -20.87
C GLU A 30 1.04 -12.87 -21.97
N GLY A 31 2.16 -12.27 -21.59
CA GLY A 31 3.09 -11.80 -22.58
C GLY A 31 2.91 -10.33 -22.92
N PRO A 32 2.61 -9.99 -24.18
CA PRO A 32 2.43 -10.84 -25.35
C PRO A 32 3.67 -11.47 -25.99
N PHE A 33 3.46 -12.58 -26.69
CA PHE A 33 4.55 -13.28 -27.38
C PHE A 33 4.64 -12.74 -28.82
N LEU A 34 5.85 -12.65 -29.36
CA LEU A 34 6.01 -12.21 -30.74
C LEU A 34 6.36 -13.46 -31.55
N ALA A 35 5.59 -13.70 -32.61
CA ALA A 35 5.78 -14.86 -33.46
C ALA A 35 6.33 -14.45 -34.83
N TYR A 36 7.47 -15.01 -35.18
CA TYR A 36 8.14 -14.70 -36.45
C TYR A 36 8.16 -15.91 -37.36
N ASP A 37 8.26 -15.68 -38.66
CA ASP A 37 8.36 -16.79 -39.60
C ASP A 37 9.82 -17.02 -39.95
N ARG A 38 10.13 -18.22 -40.42
CA ARG A 38 11.48 -18.61 -40.81
C ARG A 38 12.37 -17.44 -41.26
N ALA A 39 11.83 -16.57 -42.10
CA ALA A 39 12.57 -15.43 -42.63
C ALA A 39 12.76 -14.22 -41.70
N GLY A 40 12.27 -14.31 -40.46
CA GLY A 40 12.46 -13.20 -39.54
C GLY A 40 11.39 -12.12 -39.63
N ASN A 41 10.28 -12.45 -40.29
CA ASN A 41 9.18 -11.50 -40.42
C ASN A 41 8.24 -11.67 -39.23
N LEU A 42 7.82 -10.56 -38.62
CA LEU A 42 6.90 -10.63 -37.50
C LEU A 42 5.53 -10.99 -38.09
N VAL A 43 4.98 -12.12 -37.68
CA VAL A 43 3.70 -12.56 -38.24
C VAL A 43 2.49 -12.23 -37.38
N LYS A 44 2.66 -12.28 -36.06
CA LYS A 44 1.53 -12.00 -35.17
C LYS A 44 1.97 -11.75 -33.74
N VAL A 45 1.11 -11.07 -33.00
CA VAL A 45 1.35 -10.78 -31.60
C VAL A 45 0.36 -11.68 -30.85
N VAL A 46 0.86 -12.44 -29.90
CA VAL A 46 0.01 -13.37 -29.19
C VAL A 46 -0.09 -13.17 -27.67
N PHE A 47 -1.30 -12.93 -27.20
CA PHE A 47 -1.53 -12.76 -25.77
C PHE A 47 -2.02 -14.14 -25.33
N VAL A 49 -3.74 -15.91 -22.61
CA VAL A 49 -4.58 -15.71 -21.44
C VAL A 49 -5.09 -16.98 -20.75
N PRO A 50 -4.73 -17.18 -19.48
CA PRO A 50 -5.23 -18.40 -18.82
C PRO A 50 -6.74 -18.31 -18.68
N LEU A 51 -7.43 -19.33 -19.18
CA LEU A 51 -8.91 -19.36 -19.15
C LEU A 51 -9.42 -19.16 -17.72
N LYS A 52 -8.65 -19.65 -16.75
CA LYS A 52 -9.00 -19.51 -15.35
C LYS A 52 -9.19 -18.02 -15.02
N LYS A 53 -8.32 -17.15 -15.54
CA LYS A 53 -8.45 -15.73 -15.24
C LYS A 53 -9.74 -15.20 -15.85
N LEU A 54 -10.03 -15.62 -17.08
CA LEU A 54 -11.25 -15.14 -17.71
C LEU A 54 -12.44 -15.59 -16.87
N ASN A 55 -12.46 -16.86 -16.48
CA ASN A 55 -13.54 -17.37 -15.69
C ASN A 55 -13.66 -16.68 -14.35
N GLU A 56 -12.58 -16.07 -13.87
CA GLU A 56 -12.65 -15.35 -12.62
C GLU A 56 -12.94 -13.85 -12.84
N SER A 57 -13.26 -13.47 -14.08
CA SER A 57 -13.57 -12.08 -14.44
C SER A 57 -12.42 -11.09 -14.25
N HIS A 58 -11.19 -11.54 -14.48
CA HIS A 58 -10.04 -10.66 -14.33
C HIS A 58 -10.18 -9.51 -15.35
N LYS A 59 -9.80 -8.30 -14.95
CA LYS A 59 -9.88 -7.14 -15.83
C LYS A 59 -8.50 -6.82 -16.34
N TYR A 60 -8.29 -7.02 -17.63
CA TYR A 60 -7.00 -6.74 -18.26
C TYR A 60 -7.13 -5.36 -18.89
N VAL A 61 -6.30 -4.44 -18.41
CA VAL A 61 -6.31 -3.08 -18.90
C VAL A 61 -4.91 -2.64 -19.30
N ASP A 62 -4.77 -2.07 -20.49
CA ASP A 62 -3.46 -1.56 -20.93
C ASP A 62 -2.34 -2.62 -20.97
N ILE A 63 -2.56 -3.77 -21.59
CA ILE A 63 -1.48 -4.76 -21.62
C ILE A 63 -0.81 -4.76 -22.98
N GLY A 64 0.46 -5.14 -22.99
CA GLY A 64 1.22 -5.19 -24.23
C GLY A 64 1.70 -3.84 -24.73
N THR A 65 1.48 -2.82 -23.92
CA THR A 65 1.86 -1.46 -24.31
C THR A 65 3.25 -1.32 -24.92
N LYS A 66 4.28 -1.69 -24.17
CA LYS A 66 5.66 -1.57 -24.65
C LYS A 66 5.93 -2.30 -25.94
N THR A 67 5.54 -3.56 -26.00
CA THR A 67 5.74 -4.36 -27.21
C THR A 67 5.03 -3.74 -28.40
N LEU A 68 3.74 -3.47 -28.25
CA LEU A 68 2.94 -2.89 -29.32
C LEU A 68 3.48 -1.54 -29.80
N ARG A 69 3.99 -0.73 -28.88
CA ARG A 69 4.53 0.57 -29.25
C ARG A 69 5.87 0.45 -29.97
N ALA A 70 6.67 -0.52 -29.57
CA ALA A 70 7.97 -0.72 -30.20
C ALA A 70 7.79 -1.26 -31.62
N LEU A 71 6.65 -1.90 -31.85
CA LEU A 71 6.35 -2.47 -33.16
C LEU A 71 5.81 -1.43 -34.14
N GLY A 72 5.35 -0.31 -33.59
CA GLY A 72 4.84 0.81 -34.36
C GLY A 72 3.88 0.66 -35.55
N ILE A 73 3.79 1.73 -36.34
CA ILE A 73 2.91 1.78 -37.53
C ILE A 73 2.93 0.46 -38.30
N THR A 74 1.76 0.07 -38.80
CA THR A 74 1.60 -1.19 -39.53
C THR A 74 0.09 -1.38 -39.61
N ARG A 75 -0.32 -2.58 -40.04
CA ARG A 75 -1.73 -2.87 -40.18
C ARG A 75 -2.06 -4.27 -39.68
N ILE A 76 -3.21 -4.42 -39.04
CA ILE A 76 -3.66 -5.71 -38.54
C ILE A 76 -4.58 -6.34 -39.57
N ASP A 77 -4.19 -7.50 -40.10
CA ASP A 77 -5.00 -8.18 -41.09
C ASP A 77 -6.25 -8.78 -40.46
N HIS A 78 -6.05 -9.63 -39.44
CA HIS A 78 -7.19 -10.25 -38.77
C HIS A 78 -6.85 -10.62 -37.33
N VAL A 79 -7.85 -11.08 -36.59
CA VAL A 79 -7.66 -11.47 -35.20
C VAL A 79 -8.03 -12.95 -35.02
N ASN A 80 -7.29 -13.65 -34.15
CA ASN A 80 -7.61 -15.05 -33.83
C ASN A 80 -7.80 -15.18 -32.31
N ILE A 82 -7.99 -18.61 -30.29
CA ILE A 82 -8.00 -20.06 -30.29
C ILE A 82 -7.53 -20.64 -28.98
N PRO A 83 -8.15 -21.73 -28.53
CA PRO A 83 -7.76 -22.37 -27.29
C PRO A 83 -6.38 -22.99 -27.43
N SER A 84 -5.59 -22.94 -26.37
CA SER A 84 -4.25 -23.50 -26.40
C SER A 84 -4.32 -24.97 -26.83
N GLY A 85 -3.53 -25.32 -27.85
CA GLY A 85 -3.51 -26.69 -28.31
C GLY A 85 -2.56 -27.47 -27.43
N PRO A 86 -2.16 -28.69 -27.81
CA PRO A 86 -1.23 -29.44 -26.98
C PRO A 86 0.17 -28.85 -27.01
N HIS A 87 0.68 -28.45 -25.86
CA HIS A 87 2.02 -27.88 -25.75
C HIS A 87 2.71 -28.54 -24.57
N PRO A 88 3.88 -29.15 -24.79
CA PRO A 88 4.61 -29.80 -23.71
C PRO A 88 4.91 -28.80 -22.58
N GLY A 89 4.63 -29.21 -21.35
CA GLY A 89 4.88 -28.35 -20.21
C GLY A 89 3.65 -27.60 -19.72
N VAL A 90 2.93 -26.98 -20.65
CA VAL A 90 1.72 -26.23 -20.33
C VAL A 90 0.70 -27.19 -19.71
N SER A 91 0.09 -26.79 -18.60
CA SER A 91 -0.86 -27.69 -17.95
C SER A 91 -2.24 -27.10 -17.70
N GLU A 92 -2.39 -25.79 -17.78
CA GLU A 92 -3.71 -25.19 -17.58
C GLU A 92 -4.15 -24.63 -18.93
N PRO A 93 -5.45 -24.65 -19.21
CA PRO A 93 -5.87 -24.12 -20.51
C PRO A 93 -5.72 -22.60 -20.63
N HIS A 94 -5.32 -22.15 -21.82
CA HIS A 94 -5.15 -20.74 -22.14
C HIS A 94 -5.84 -20.49 -23.45
N TYR A 95 -6.01 -19.21 -23.76
CA TYR A 95 -6.56 -18.84 -25.03
C TYR A 95 -5.53 -17.94 -25.63
N HIS A 96 -5.29 -18.09 -26.93
CA HIS A 96 -4.31 -17.25 -27.59
C HIS A 96 -5.06 -16.17 -28.37
N ILE A 97 -4.96 -14.93 -27.90
CA ILE A 97 -5.61 -13.81 -28.56
C ILE A 97 -4.52 -13.30 -29.51
N GLU A 98 -4.74 -13.46 -30.81
CA GLU A 98 -3.72 -13.09 -31.76
C GLU A 98 -4.05 -11.96 -32.71
N LEU A 99 -3.08 -11.08 -32.89
CA LEU A 99 -3.24 -9.97 -33.80
C LEU A 99 -2.30 -10.40 -34.96
N VAL A 100 -2.88 -10.89 -36.06
CA VAL A 100 -2.09 -11.37 -37.19
C VAL A 100 -1.83 -10.28 -38.24
N LEU A 101 -0.57 -10.14 -38.67
CA LEU A 101 -0.17 -9.11 -39.63
C LEU A 101 -0.19 -9.53 -41.09
N VAL A 102 -0.70 -10.73 -41.36
CA VAL A 102 -0.81 -11.24 -42.72
C VAL A 102 -2.12 -11.96 -42.86
N SER A 103 -2.46 -12.33 -44.10
CA SER A 103 -3.70 -13.05 -44.39
C SER A 103 -3.70 -14.39 -43.70
N VAL A 104 -4.88 -14.93 -43.41
CA VAL A 104 -4.96 -16.22 -42.74
C VAL A 104 -4.31 -17.32 -43.58
N ASP A 105 -4.35 -17.18 -44.90
CA ASP A 105 -3.76 -18.18 -45.76
C ASP A 105 -2.24 -18.07 -45.69
N GLN A 106 -1.73 -16.84 -45.73
CA GLN A 106 -0.30 -16.58 -45.63
C GLN A 106 0.20 -17.01 -44.23
N GLU A 107 -0.68 -16.89 -43.23
CA GLU A 107 -0.34 -17.26 -41.86
C GLU A 107 -0.10 -18.76 -41.75
N ARG A 108 -1.01 -19.53 -42.34
CA ARG A 108 -0.92 -20.99 -42.30
C ARG A 108 0.35 -21.48 -43.03
N LYS A 109 0.84 -20.68 -43.97
CA LYS A 109 2.02 -21.06 -44.73
C LYS A 109 3.33 -20.68 -44.05
N VAL A 110 3.50 -19.40 -43.75
CA VAL A 110 4.73 -18.96 -43.11
C VAL A 110 4.92 -19.63 -41.75
N LEU A 111 3.84 -19.84 -41.03
CA LEU A 111 3.94 -20.50 -39.73
C LEU A 111 3.82 -21.99 -39.89
N GLU A 112 3.79 -22.45 -41.13
CA GLU A 112 3.70 -23.87 -41.43
C GLU A 112 2.70 -24.57 -40.53
N GLY A 113 1.51 -23.98 -40.39
CA GLY A 113 0.50 -24.56 -39.52
C GLY A 113 -0.71 -25.13 -40.24
N GLU A 114 -1.15 -26.29 -39.78
CA GLU A 114 -2.31 -26.98 -40.36
C GLU A 114 -3.53 -26.06 -40.43
N GLU B 5 -36.40 18.50 -44.01
CA GLU B 5 -34.93 18.47 -44.27
C GLU B 5 -34.35 17.07 -44.07
N ALA B 6 -33.27 16.76 -44.78
CA ALA B 6 -32.63 15.45 -44.67
C ALA B 6 -31.61 15.43 -43.53
N LEU B 7 -31.74 16.37 -42.61
CA LEU B 7 -30.83 16.47 -41.46
C LEU B 7 -30.77 15.14 -40.71
N LYS B 8 -29.66 14.43 -40.90
CA LYS B 8 -29.41 13.11 -40.31
C LYS B 8 -29.39 13.07 -38.78
N GLY B 9 -30.18 12.16 -38.21
CA GLY B 9 -30.25 12.02 -36.76
C GLY B 9 -30.22 10.58 -36.30
N ALA B 10 -30.27 9.63 -37.24
CA ALA B 10 -30.24 8.20 -36.92
C ALA B 10 -28.81 7.82 -36.52
N LEU B 11 -28.02 8.83 -36.21
CA LEU B 11 -26.63 8.69 -35.79
C LEU B 11 -26.61 8.26 -34.34
N PRO B 12 -25.70 7.35 -33.98
CA PRO B 12 -25.65 6.91 -32.59
C PRO B 12 -25.22 8.05 -31.67
N ASN B 13 -25.61 7.97 -30.41
CA ASN B 13 -25.24 8.96 -29.43
C ASN B 13 -23.83 8.64 -28.90
N PHE B 14 -23.12 9.68 -28.46
CA PHE B 14 -21.79 9.52 -27.89
C PHE B 14 -22.11 9.10 -26.46
N ILE B 15 -21.65 7.93 -26.02
CA ILE B 15 -21.91 7.48 -24.66
C ILE B 15 -20.62 7.52 -23.85
N PRO B 16 -20.61 8.28 -22.73
CA PRO B 16 -19.40 8.38 -21.89
C PRO B 16 -18.85 6.99 -21.63
N GLY B 17 -17.58 6.77 -21.90
CA GLY B 17 -16.99 5.46 -21.69
C GLY B 17 -16.99 4.56 -22.90
N LEU B 18 -17.88 4.80 -23.86
CA LEU B 18 -17.95 3.97 -25.07
C LEU B 18 -17.67 4.75 -26.34
N GLY B 19 -18.01 6.03 -26.33
CA GLY B 19 -17.82 6.86 -27.51
C GLY B 19 -19.01 6.61 -28.44
N THR B 20 -18.86 6.93 -29.72
CA THR B 20 -19.91 6.71 -30.68
C THR B 20 -19.54 5.35 -31.29
N LEU B 21 -20.44 4.39 -31.12
CA LEU B 21 -20.21 3.03 -31.58
C LEU B 21 -20.90 2.61 -32.86
N TYR B 22 -20.11 2.02 -33.75
CA TYR B 22 -20.60 1.50 -35.02
C TYR B 22 -20.13 0.05 -35.14
N VAL B 23 -20.84 -0.73 -35.96
CA VAL B 23 -20.47 -2.12 -36.21
C VAL B 23 -21.02 -2.55 -37.57
N ASP B 24 -20.37 -3.50 -38.20
CA ASP B 24 -20.88 -4.00 -39.47
C ASP B 24 -21.85 -5.11 -39.04
N PRO B 25 -23.17 -4.88 -39.17
CA PRO B 25 -24.18 -5.86 -38.79
C PRO B 25 -23.94 -7.27 -39.32
N SER B 26 -23.17 -7.39 -40.38
CA SER B 26 -22.88 -8.70 -40.94
C SER B 26 -21.65 -9.32 -40.27
N THR B 27 -21.24 -8.79 -39.12
CA THR B 27 -20.09 -9.32 -38.40
C THR B 27 -20.48 -9.69 -36.97
N LEU B 28 -21.73 -9.41 -36.61
CA LEU B 28 -22.23 -9.72 -35.29
C LEU B 28 -22.28 -11.24 -35.09
N PRO B 29 -22.29 -11.70 -33.83
CA PRO B 29 -22.28 -10.90 -32.60
C PRO B 29 -20.89 -10.47 -32.14
N GLU B 30 -19.84 -10.96 -32.81
CA GLU B 30 -18.48 -10.61 -32.43
C GLU B 30 -18.05 -9.23 -32.88
N GLY B 31 -18.57 -8.79 -34.03
CA GLY B 31 -18.20 -7.49 -34.54
C GLY B 31 -16.95 -7.64 -35.40
N PRO B 32 -15.90 -6.85 -35.17
CA PRO B 32 -15.74 -5.82 -34.15
C PRO B 32 -16.54 -4.54 -34.26
N PHE B 33 -16.71 -3.90 -33.10
CA PHE B 33 -17.39 -2.63 -33.00
C PHE B 33 -16.32 -1.53 -33.08
N LEU B 34 -16.66 -0.42 -33.71
CA LEU B 34 -15.73 0.71 -33.84
C LEU B 34 -16.18 1.86 -32.94
N ALA B 35 -15.31 2.28 -32.02
CA ALA B 35 -15.62 3.37 -31.09
C ALA B 35 -14.89 4.65 -31.50
N TYR B 36 -15.65 5.72 -31.68
CA TYR B 36 -15.07 7.02 -32.07
C TYR B 36 -15.28 8.07 -30.98
N ASP B 37 -14.36 9.04 -30.88
CA ASP B 37 -14.51 10.11 -29.92
C ASP B 37 -15.39 11.18 -30.56
N ARG B 38 -15.56 12.32 -29.91
CA ARG B 38 -16.44 13.38 -30.44
C ARG B 38 -15.93 14.06 -31.73
N ALA B 39 -14.62 14.09 -31.91
CA ALA B 39 -14.05 14.69 -33.11
C ALA B 39 -14.14 13.76 -34.32
N GLY B 40 -14.46 12.50 -34.09
CA GLY B 40 -14.54 11.58 -35.22
C GLY B 40 -13.32 10.71 -35.36
N ASN B 41 -12.45 10.70 -34.36
CA ASN B 41 -11.25 9.86 -34.40
C ASN B 41 -11.59 8.44 -33.95
N LEU B 42 -11.03 7.43 -34.63
CA LEU B 42 -11.26 6.04 -34.23
C LEU B 42 -10.35 5.78 -33.01
N VAL B 43 -10.96 5.46 -31.87
CA VAL B 43 -10.23 5.23 -30.63
C VAL B 43 -9.88 3.74 -30.38
N LYS B 44 -10.82 2.84 -30.64
CA LYS B 44 -10.54 1.42 -30.42
C LYS B 44 -11.47 0.52 -31.22
N VAL B 45 -11.00 -0.70 -31.44
CA VAL B 45 -11.72 -1.74 -32.19
C VAL B 45 -12.05 -2.80 -31.13
N VAL B 46 -13.33 -3.08 -30.92
CA VAL B 46 -13.76 -4.03 -29.88
C VAL B 46 -14.39 -5.33 -30.38
N PHE B 47 -13.86 -6.45 -29.92
CA PHE B 47 -14.41 -7.75 -30.29
C PHE B 47 -15.14 -8.27 -29.08
N VAL B 49 -16.89 -11.62 -27.21
CA VAL B 49 -16.99 -13.08 -27.18
C VAL B 49 -17.64 -13.61 -25.91
N PRO B 50 -18.50 -14.61 -26.06
CA PRO B 50 -19.17 -15.18 -24.88
C PRO B 50 -18.16 -16.07 -24.13
N LEU B 51 -18.10 -15.89 -22.82
CA LEU B 51 -17.20 -16.69 -22.00
C LEU B 51 -17.51 -18.19 -22.23
N LYS B 52 -18.79 -18.51 -22.43
CA LYS B 52 -19.21 -19.90 -22.65
C LYS B 52 -18.57 -20.51 -23.91
N LYS B 53 -18.44 -19.74 -24.99
CA LYS B 53 -17.79 -20.27 -26.19
C LYS B 53 -16.33 -20.60 -25.83
N LEU B 54 -15.68 -19.74 -25.05
CA LEU B 54 -14.30 -19.97 -24.67
C LEU B 54 -14.15 -21.25 -23.86
N ASN B 55 -15.06 -21.45 -22.91
CA ASN B 55 -14.99 -22.65 -22.09
C ASN B 55 -15.25 -23.91 -22.93
N GLU B 56 -16.00 -23.74 -24.02
CA GLU B 56 -16.29 -24.85 -24.92
C GLU B 56 -15.22 -24.95 -26.04
N SER B 57 -14.06 -24.36 -25.78
CA SER B 57 -12.94 -24.36 -26.71
C SER B 57 -13.24 -23.98 -28.16
N HIS B 58 -14.16 -23.03 -28.37
CA HIS B 58 -14.47 -22.60 -29.72
C HIS B 58 -13.25 -21.93 -30.37
N LYS B 59 -13.11 -22.06 -31.68
CA LYS B 59 -11.99 -21.47 -32.38
C LYS B 59 -12.39 -20.28 -33.25
N TYR B 60 -11.97 -19.08 -32.87
CA TYR B 60 -12.28 -17.90 -33.65
C TYR B 60 -11.08 -17.63 -34.55
N VAL B 61 -11.24 -17.85 -35.85
CA VAL B 61 -10.16 -17.65 -36.79
C VAL B 61 -10.50 -16.61 -37.85
N ASP B 62 -9.49 -15.82 -38.22
CA ASP B 62 -9.66 -14.80 -39.24
C ASP B 62 -10.90 -13.94 -38.97
N ILE B 63 -10.99 -13.44 -37.73
CA ILE B 63 -12.10 -12.60 -37.31
C ILE B 63 -11.86 -11.12 -37.63
N GLY B 64 -12.95 -10.42 -37.91
CA GLY B 64 -12.88 -9.01 -38.23
C GLY B 64 -12.07 -8.63 -39.46
N THR B 65 -11.79 -9.57 -40.35
CA THR B 65 -10.98 -9.21 -41.50
C THR B 65 -11.56 -8.06 -42.36
N LYS B 66 -12.82 -8.18 -42.79
CA LYS B 66 -13.44 -7.15 -43.62
C LYS B 66 -13.29 -5.77 -42.98
N THR B 67 -13.82 -5.63 -41.78
CA THR B 67 -13.74 -4.37 -41.05
C THR B 67 -12.31 -3.85 -40.92
N LEU B 68 -11.39 -4.66 -40.40
CA LEU B 68 -10.00 -4.23 -40.24
C LEU B 68 -9.39 -3.78 -41.55
N ARG B 69 -9.74 -4.47 -42.64
CA ARG B 69 -9.23 -4.15 -43.96
C ARG B 69 -9.63 -2.74 -44.37
N ALA B 70 -10.87 -2.37 -44.07
CA ALA B 70 -11.36 -1.04 -44.43
C ALA B 70 -10.87 0.07 -43.49
N LEU B 71 -9.96 -0.27 -42.58
CA LEU B 71 -9.43 0.72 -41.64
C LEU B 71 -7.98 1.07 -42.00
N GLY B 72 -7.33 0.17 -42.72
CA GLY B 72 -5.96 0.39 -43.13
C GLY B 72 -4.99 0.64 -41.98
N ILE B 73 -4.53 1.88 -41.85
CA ILE B 73 -3.61 2.23 -40.77
C ILE B 73 -4.26 2.00 -39.41
N THR B 74 -3.45 1.68 -38.41
CA THR B 74 -3.96 1.44 -37.07
C THR B 74 -3.01 1.90 -35.97
N ARG B 75 -1.80 1.34 -35.98
CA ARG B 75 -0.81 1.67 -34.95
C ARG B 75 -1.50 1.44 -33.61
N ILE B 76 -1.46 0.20 -33.15
CA ILE B 76 -2.10 -0.15 -31.90
C ILE B 76 -1.21 0.21 -30.70
N ASP B 77 -1.83 0.76 -29.67
CA ASP B 77 -1.12 1.20 -28.47
C ASP B 77 -1.18 0.14 -27.37
N HIS B 78 -2.37 -0.37 -27.10
CA HIS B 78 -2.47 -1.40 -26.07
C HIS B 78 -3.73 -2.23 -26.28
N VAL B 79 -3.87 -3.26 -25.47
CA VAL B 79 -5.02 -4.13 -25.51
C VAL B 79 -5.72 -4.16 -24.15
N ASN B 80 -7.04 -4.28 -24.15
CA ASN B 80 -7.78 -4.43 -22.92
C ASN B 80 -8.63 -5.68 -23.11
N ILE B 82 -11.95 -6.88 -21.15
CA ILE B 82 -12.93 -6.51 -20.14
C ILE B 82 -14.11 -7.44 -20.01
N PRO B 83 -14.38 -7.95 -18.79
CA PRO B 83 -15.51 -8.85 -18.58
C PRO B 83 -16.80 -8.08 -18.47
N SER B 84 -17.87 -8.67 -18.99
CA SER B 84 -19.19 -8.04 -18.96
C SER B 84 -20.33 -9.06 -18.82
N GLY B 85 -21.37 -8.68 -18.08
CA GLY B 85 -22.53 -9.54 -17.90
C GLY B 85 -22.38 -10.64 -16.87
N PRO B 86 -23.49 -11.26 -16.43
CA PRO B 86 -24.85 -10.93 -16.88
C PRO B 86 -25.44 -9.69 -16.20
N HIS B 87 -26.36 -9.04 -16.89
CA HIS B 87 -27.04 -7.85 -16.40
C HIS B 87 -28.13 -7.58 -17.44
N PRO B 88 -29.08 -6.70 -17.14
CA PRO B 88 -30.15 -6.42 -18.09
C PRO B 88 -29.56 -6.11 -19.46
N GLY B 89 -30.01 -6.84 -20.47
CA GLY B 89 -29.50 -6.58 -21.81
C GLY B 89 -28.35 -7.48 -22.22
N VAL B 90 -27.85 -8.28 -21.28
CA VAL B 90 -26.77 -9.21 -21.53
C VAL B 90 -27.04 -10.40 -20.62
N SER B 91 -27.56 -11.48 -21.20
CA SER B 91 -27.92 -12.67 -20.43
C SER B 91 -26.77 -13.60 -20.06
N GLU B 92 -25.62 -13.44 -20.70
CA GLU B 92 -24.48 -14.32 -20.45
C GLU B 92 -23.16 -13.55 -20.35
N PRO B 93 -22.20 -14.07 -19.56
CA PRO B 93 -20.90 -13.41 -19.42
C PRO B 93 -20.13 -13.32 -20.74
N HIS B 94 -19.55 -12.15 -20.98
CA HIS B 94 -18.77 -11.93 -22.19
C HIS B 94 -17.46 -11.26 -21.80
N TYR B 95 -16.58 -11.16 -22.79
CA TYR B 95 -15.34 -10.41 -22.62
C TYR B 95 -15.24 -9.46 -23.79
N HIS B 96 -14.79 -8.24 -23.53
CA HIS B 96 -14.62 -7.27 -24.58
C HIS B 96 -13.10 -7.24 -24.85
N ILE B 97 -12.70 -7.65 -26.04
CA ILE B 97 -11.29 -7.68 -26.43
C ILE B 97 -11.11 -6.41 -27.22
N GLU B 98 -10.37 -5.46 -26.65
CA GLU B 98 -10.20 -4.17 -27.29
C GLU B 98 -8.79 -3.85 -27.78
N LEU B 99 -8.69 -3.42 -29.04
CA LEU B 99 -7.42 -3.02 -29.64
C LEU B 99 -7.53 -1.50 -29.58
N VAL B 100 -6.76 -0.87 -28.69
CA VAL B 100 -6.82 0.56 -28.50
C VAL B 100 -5.75 1.35 -29.25
N LEU B 101 -6.18 2.41 -29.92
CA LEU B 101 -5.30 3.21 -30.77
C LEU B 101 -4.68 4.44 -30.17
N VAL B 102 -4.85 4.63 -28.86
CA VAL B 102 -4.27 5.76 -28.15
C VAL B 102 -3.87 5.23 -26.77
N SER B 103 -3.04 5.97 -26.04
CA SER B 103 -2.63 5.55 -24.70
C SER B 103 -3.86 5.33 -23.81
N VAL B 104 -3.68 4.65 -22.69
CA VAL B 104 -4.80 4.38 -21.84
C VAL B 104 -5.42 5.63 -21.21
N ASP B 105 -4.61 6.65 -20.90
CA ASP B 105 -5.19 7.88 -20.32
C ASP B 105 -5.96 8.65 -21.41
N GLN B 106 -5.38 8.69 -22.61
CA GLN B 106 -6.03 9.37 -23.72
C GLN B 106 -7.40 8.75 -24.02
N GLU B 107 -7.47 7.42 -23.93
CA GLU B 107 -8.69 6.69 -24.20
C GLU B 107 -9.79 7.02 -23.21
N ARG B 108 -9.43 7.14 -21.94
CA ARG B 108 -10.43 7.49 -20.93
C ARG B 108 -10.83 8.95 -21.13
N LYS B 109 -9.86 9.78 -21.49
CA LYS B 109 -10.15 11.20 -21.71
C LYS B 109 -11.08 11.42 -22.92
N VAL B 110 -10.66 10.99 -24.11
CA VAL B 110 -11.51 11.25 -25.27
C VAL B 110 -12.84 10.52 -25.26
N LEU B 111 -12.92 9.41 -24.54
CA LEU B 111 -14.21 8.72 -24.47
C LEU B 111 -14.97 9.22 -23.24
N GLU B 112 -14.31 10.06 -22.44
CA GLU B 112 -14.94 10.60 -21.24
C GLU B 112 -15.48 9.52 -20.32
N GLY B 113 -14.67 8.48 -20.09
CA GLY B 113 -15.12 7.39 -19.24
C GLY B 113 -14.53 7.44 -17.84
N GLU B 114 -15.13 6.69 -16.92
CA GLU B 114 -14.63 6.63 -15.55
C GLU B 114 -13.24 6.04 -15.58
N PRO B 115 -12.32 6.58 -14.78
CA PRO B 115 -10.95 6.05 -14.78
C PRO B 115 -10.92 4.58 -14.37
N TYR B 116 -9.93 3.85 -14.87
CA TYR B 116 -9.78 2.44 -14.57
C TYR B 116 -9.40 2.20 -13.11
N GLU C 5 -18.85 2.70 -44.27
CA GLU C 5 -18.94 2.26 -45.69
C GLU C 5 -19.87 1.06 -45.81
N ALA C 6 -20.00 0.33 -44.70
CA ALA C 6 -20.85 -0.86 -44.62
C ALA C 6 -21.29 -0.97 -43.16
N LEU C 7 -20.91 0.06 -42.40
CA LEU C 7 -21.21 0.10 -40.97
C LEU C 7 -22.62 0.55 -40.69
N LYS C 8 -22.87 0.78 -39.40
CA LYS C 8 -24.17 1.21 -38.92
C LYS C 8 -24.00 1.44 -37.43
N GLY C 9 -24.83 2.30 -36.85
CA GLY C 9 -24.70 2.55 -35.43
C GLY C 9 -25.02 1.32 -34.62
N ALA C 10 -24.19 1.05 -33.61
CA ALA C 10 -24.40 -0.08 -32.72
C ALA C 10 -25.43 0.41 -31.72
N LEU C 11 -26.56 -0.27 -31.63
CA LEU C 11 -27.60 0.16 -30.71
C LEU C 11 -28.21 -1.06 -30.05
N PRO C 12 -28.06 -1.17 -28.72
CA PRO C 12 -28.62 -2.30 -27.98
C PRO C 12 -30.11 -2.48 -28.19
N ASN C 13 -30.60 -3.70 -28.04
CA ASN C 13 -32.02 -3.96 -28.23
C ASN C 13 -32.85 -3.24 -27.16
N PHE C 14 -34.00 -2.74 -27.56
CA PHE C 14 -34.90 -2.05 -26.64
C PHE C 14 -35.38 -3.05 -25.60
N ILE C 15 -35.60 -2.57 -24.38
CA ILE C 15 -36.04 -3.42 -23.29
C ILE C 15 -37.18 -2.75 -22.55
N PRO C 16 -38.40 -3.29 -22.67
CA PRO C 16 -39.53 -2.68 -21.97
C PRO C 16 -39.14 -2.42 -20.51
N GLY C 17 -39.39 -1.21 -20.05
CA GLY C 17 -39.04 -0.86 -18.69
C GLY C 17 -37.65 -0.29 -18.59
N LEU C 18 -36.79 -0.57 -19.56
CA LEU C 18 -35.42 -0.06 -19.53
C LEU C 18 -34.94 0.66 -20.78
N GLY C 19 -35.70 0.52 -21.86
CA GLY C 19 -35.34 1.17 -23.11
C GLY C 19 -34.05 0.65 -23.71
N THR C 20 -33.35 1.53 -24.41
CA THR C 20 -32.08 1.20 -25.02
C THR C 20 -31.07 1.47 -23.93
N LEU C 21 -30.56 0.40 -23.33
CA LEU C 21 -29.64 0.49 -22.21
C LEU C 21 -28.14 0.35 -22.54
N TYR C 22 -27.36 1.38 -22.24
CA TYR C 22 -25.91 1.36 -22.49
C TYR C 22 -25.13 1.34 -21.15
N VAL C 23 -23.92 0.81 -21.19
CA VAL C 23 -23.06 0.77 -20.01
C VAL C 23 -21.61 0.55 -20.44
N ASP C 24 -20.69 1.24 -19.77
CA ASP C 24 -19.27 1.08 -20.05
C ASP C 24 -18.93 -0.13 -19.19
N PRO C 25 -18.61 -1.28 -19.82
CA PRO C 25 -18.28 -2.53 -19.11
C PRO C 25 -17.26 -2.46 -18.00
N SER C 26 -16.30 -1.55 -18.11
CA SER C 26 -15.28 -1.43 -17.06
C SER C 26 -15.86 -0.87 -15.76
N THR C 27 -17.05 -0.27 -15.83
CA THR C 27 -17.69 0.30 -14.63
C THR C 27 -18.64 -0.69 -13.95
N LEU C 28 -18.75 -1.90 -14.50
CA LEU C 28 -19.66 -2.91 -13.95
C LEU C 28 -19.20 -3.38 -12.56
N PRO C 29 -20.13 -3.86 -11.73
CA PRO C 29 -21.55 -4.00 -12.01
C PRO C 29 -22.39 -2.72 -11.82
N GLU C 30 -21.89 -1.77 -11.03
CA GLU C 30 -22.64 -0.54 -10.76
C GLU C 30 -22.97 0.37 -11.93
N GLY C 31 -22.04 0.53 -12.86
CA GLY C 31 -22.28 1.40 -13.99
C GLY C 31 -21.84 2.83 -13.69
N PRO C 32 -22.73 3.83 -13.78
CA PRO C 32 -24.14 3.69 -14.13
C PRO C 32 -24.47 3.30 -15.54
N PHE C 33 -25.68 2.79 -15.69
CA PHE C 33 -26.19 2.40 -16.99
C PHE C 33 -26.99 3.62 -17.50
N LEU C 34 -27.04 3.84 -18.81
CA LEU C 34 -27.82 4.93 -19.37
C LEU C 34 -28.98 4.33 -20.16
N ALA C 35 -30.19 4.78 -19.84
CA ALA C 35 -31.41 4.30 -20.49
C ALA C 35 -32.06 5.34 -21.40
N TYR C 36 -32.18 4.98 -22.68
CA TYR C 36 -32.76 5.85 -23.70
C TYR C 36 -34.09 5.32 -24.27
N ASP C 37 -34.98 6.24 -24.64
CA ASP C 37 -36.25 5.86 -25.24
C ASP C 37 -35.99 5.69 -26.75
N ARG C 38 -36.99 5.21 -27.49
CA ARG C 38 -36.88 4.98 -28.93
C ARG C 38 -36.35 6.21 -29.68
N ALA C 39 -36.87 7.37 -29.36
CA ALA C 39 -36.48 8.61 -30.01
C ALA C 39 -35.04 9.03 -29.72
N GLY C 40 -34.36 8.27 -28.87
CA GLY C 40 -32.99 8.58 -28.55
C GLY C 40 -32.73 9.61 -27.47
N ASN C 41 -33.70 9.84 -26.58
CA ASN C 41 -33.53 10.80 -25.47
C ASN C 41 -33.16 10.03 -24.21
N LEU C 42 -32.32 10.63 -23.36
CA LEU C 42 -31.93 9.98 -22.11
C LEU C 42 -33.12 10.05 -21.15
N VAL C 43 -33.50 8.91 -20.59
CA VAL C 43 -34.63 8.83 -19.67
C VAL C 43 -34.18 8.74 -18.22
N LYS C 44 -33.16 7.92 -17.97
CA LYS C 44 -32.65 7.81 -16.61
C LYS C 44 -31.24 7.23 -16.53
N VAL C 45 -30.58 7.54 -15.42
CA VAL C 45 -29.24 7.06 -15.10
C VAL C 45 -29.47 6.04 -13.98
N VAL C 46 -28.96 4.83 -14.17
CA VAL C 46 -29.19 3.76 -13.20
C VAL C 46 -27.94 3.13 -12.63
N PHE C 47 -27.79 3.20 -11.31
CA PHE C 47 -26.67 2.57 -10.64
C PHE C 47 -27.19 1.21 -10.19
N VAL C 49 -26.52 -1.59 -7.88
CA VAL C 49 -25.85 -1.93 -6.63
C VAL C 49 -26.17 -3.31 -6.04
N PRO C 50 -25.14 -4.14 -5.79
CA PRO C 50 -25.36 -5.47 -5.20
C PRO C 50 -25.82 -5.30 -3.76
N LEU C 51 -26.93 -5.93 -3.40
CA LEU C 51 -27.48 -5.85 -2.05
C LEU C 51 -26.47 -6.38 -1.07
N LYS C 52 -25.63 -7.29 -1.55
CA LYS C 52 -24.59 -7.85 -0.71
C LYS C 52 -23.64 -6.73 -0.26
N LYS C 53 -23.25 -5.87 -1.19
CA LYS C 53 -22.36 -4.77 -0.85
C LYS C 53 -22.97 -3.86 0.21
N LEU C 54 -24.27 -3.58 0.09
CA LEU C 54 -24.96 -2.71 1.06
C LEU C 54 -25.01 -3.39 2.43
N ASN C 55 -25.31 -4.69 2.45
CA ASN C 55 -25.34 -5.39 3.74
C ASN C 55 -23.94 -5.46 4.35
N GLU C 56 -22.92 -5.30 3.52
CA GLU C 56 -21.54 -5.29 3.98
C GLU C 56 -21.14 -3.87 4.37
N SER C 57 -22.08 -2.93 4.22
CA SER C 57 -21.83 -1.53 4.56
C SER C 57 -20.73 -0.94 3.70
N HIS C 58 -20.71 -1.32 2.43
CA HIS C 58 -19.72 -0.79 1.52
C HIS C 58 -19.97 0.71 1.40
N LYS C 59 -18.90 1.47 1.31
CA LYS C 59 -18.96 2.92 1.18
C LYS C 59 -18.74 3.30 -0.30
N TYR C 60 -19.80 3.72 -0.97
CA TYR C 60 -19.71 4.14 -2.36
C TYR C 60 -19.45 5.64 -2.37
N VAL C 61 -18.31 6.05 -2.91
CA VAL C 61 -17.98 7.48 -2.93
C VAL C 61 -17.58 7.97 -4.31
N ASP C 62 -18.12 9.10 -4.73
CA ASP C 62 -17.79 9.68 -6.01
C ASP C 62 -17.96 8.71 -7.19
N ILE C 63 -19.15 8.12 -7.33
CA ILE C 63 -19.37 7.21 -8.44
C ILE C 63 -20.18 7.89 -9.56
N GLY C 64 -19.92 7.47 -10.80
CA GLY C 64 -20.62 8.02 -11.95
C GLY C 64 -20.20 9.43 -12.34
N THR C 65 -19.09 9.91 -11.77
CA THR C 65 -18.61 11.27 -12.01
C THR C 65 -18.43 11.67 -13.47
N LYS C 66 -17.59 10.92 -14.19
CA LYS C 66 -17.32 11.22 -15.59
C LYS C 66 -18.58 11.12 -16.40
N THR C 67 -19.39 10.11 -16.14
CA THR C 67 -20.62 9.98 -16.87
C THR C 67 -21.54 11.17 -16.58
N LEU C 68 -21.87 11.38 -15.31
CA LEU C 68 -22.73 12.49 -14.93
C LEU C 68 -22.25 13.85 -15.47
N ARG C 69 -20.94 14.11 -15.45
CA ARG C 69 -20.43 15.38 -15.96
C ARG C 69 -20.49 15.48 -17.49
N ALA C 70 -20.40 14.34 -18.16
CA ALA C 70 -20.46 14.34 -19.61
C ALA C 70 -21.88 14.59 -20.10
N LEU C 71 -22.87 14.17 -19.31
CA LEU C 71 -24.27 14.35 -19.68
C LEU C 71 -24.78 15.73 -19.29
N GLY C 72 -24.15 16.36 -18.30
CA GLY C 72 -24.56 17.68 -17.87
C GLY C 72 -26.03 17.75 -17.49
N ILE C 73 -26.49 16.76 -16.75
CA ILE C 73 -27.87 16.73 -16.29
C ILE C 73 -28.12 17.93 -15.38
N THR C 74 -29.23 18.61 -15.58
CA THR C 74 -29.53 19.76 -14.75
C THR C 74 -30.87 19.59 -14.04
N ARG C 75 -31.71 18.72 -14.59
CA ARG C 75 -33.03 18.46 -14.01
C ARG C 75 -33.30 16.99 -13.74
N ILE C 76 -33.49 16.66 -12.47
CA ILE C 76 -33.82 15.30 -12.10
C ILE C 76 -35.27 15.41 -11.67
N ASP C 77 -36.16 14.60 -12.25
CA ASP C 77 -37.59 14.66 -11.89
C ASP C 77 -37.83 13.91 -10.59
N HIS C 78 -37.40 12.65 -10.55
CA HIS C 78 -37.55 11.86 -9.34
C HIS C 78 -36.48 10.79 -9.28
N VAL C 79 -36.49 10.07 -8.17
CA VAL C 79 -35.55 9.00 -7.95
C VAL C 79 -36.32 7.70 -7.69
N ASN C 80 -35.78 6.58 -8.15
CA ASN C 80 -36.37 5.26 -7.88
C ASN C 80 -35.28 4.38 -7.28
N ILE C 82 -35.33 0.43 -6.84
CA ILE C 82 -36.09 -0.79 -7.12
C ILE C 82 -35.28 -2.08 -7.05
N PRO C 83 -35.86 -3.11 -6.42
CA PRO C 83 -35.13 -4.37 -6.34
C PRO C 83 -34.92 -4.95 -7.74
N SER C 84 -33.78 -5.61 -7.95
CA SER C 84 -33.45 -6.20 -9.25
C SER C 84 -34.49 -7.21 -9.71
N GLY C 85 -35.30 -6.81 -10.68
CA GLY C 85 -36.30 -7.72 -11.21
C GLY C 85 -35.60 -8.95 -11.74
N PRO C 86 -36.32 -10.04 -12.05
CA PRO C 86 -35.62 -11.21 -12.57
C PRO C 86 -35.09 -10.89 -13.99
N HIS C 87 -33.81 -11.15 -14.20
CA HIS C 87 -33.20 -10.89 -15.51
C HIS C 87 -32.48 -12.14 -15.96
N PRO C 88 -32.66 -12.52 -17.23
CA PRO C 88 -31.98 -13.70 -17.74
C PRO C 88 -30.48 -13.70 -17.44
N GLY C 89 -30.04 -14.61 -16.56
CA GLY C 89 -28.63 -14.70 -16.23
C GLY C 89 -28.23 -14.12 -14.89
N VAL C 90 -28.87 -13.03 -14.47
CA VAL C 90 -28.53 -12.39 -13.20
C VAL C 90 -28.98 -13.22 -11.99
N SER C 91 -28.01 -13.75 -11.25
CA SER C 91 -28.33 -14.57 -10.08
C SER C 91 -28.42 -13.82 -8.74
N GLU C 92 -27.49 -12.92 -8.46
CA GLU C 92 -27.53 -12.18 -7.19
C GLU C 92 -28.49 -10.98 -7.27
N PRO C 93 -29.10 -10.60 -6.14
CA PRO C 93 -30.04 -9.47 -6.13
C PRO C 93 -29.30 -8.12 -6.04
N HIS C 94 -29.76 -7.15 -6.80
CA HIS C 94 -29.18 -5.80 -6.80
C HIS C 94 -30.31 -4.81 -6.64
N TYR C 95 -29.94 -3.55 -6.38
CA TYR C 95 -30.92 -2.50 -6.31
C TYR C 95 -30.58 -1.53 -7.43
N HIS C 96 -31.61 -1.08 -8.12
CA HIS C 96 -31.49 -0.15 -9.21
C HIS C 96 -31.79 1.22 -8.64
N ILE C 97 -30.76 2.05 -8.52
CA ILE C 97 -30.94 3.40 -7.98
C ILE C 97 -31.04 4.23 -9.24
N GLU C 98 -32.24 4.71 -9.52
CA GLU C 98 -32.48 5.46 -10.75
C GLU C 98 -32.68 6.96 -10.58
N LEU C 99 -32.01 7.73 -11.43
CA LEU C 99 -32.17 9.17 -11.40
C LEU C 99 -32.93 9.39 -12.69
N VAL C 100 -34.24 9.60 -12.53
CA VAL C 100 -35.15 9.78 -13.65
C VAL C 100 -35.34 11.24 -14.09
N LEU C 101 -35.09 11.49 -15.37
CA LEU C 101 -35.19 12.83 -15.92
C LEU C 101 -36.56 13.27 -16.41
N VAL C 102 -37.53 12.36 -16.40
CA VAL C 102 -38.88 12.71 -16.82
C VAL C 102 -39.84 12.25 -15.74
N SER C 103 -41.12 12.56 -15.90
CA SER C 103 -42.13 12.16 -14.91
C SER C 103 -42.33 10.66 -14.86
N VAL C 104 -42.85 10.19 -13.73
CA VAL C 104 -43.08 8.77 -13.57
C VAL C 104 -44.05 8.26 -14.65
N ASP C 105 -44.99 9.11 -15.09
CA ASP C 105 -45.93 8.67 -16.13
C ASP C 105 -45.20 8.61 -17.47
N GLN C 106 -44.43 9.65 -17.79
CA GLN C 106 -43.70 9.67 -19.03
C GLN C 106 -42.68 8.53 -19.07
N GLU C 107 -42.10 8.22 -17.92
CA GLU C 107 -41.12 7.15 -17.83
C GLU C 107 -41.71 5.83 -18.30
N ARG C 108 -42.79 5.42 -17.64
CA ARG C 108 -43.46 4.17 -17.97
C ARG C 108 -43.94 4.17 -19.43
N LYS C 109 -44.24 5.36 -19.94
CA LYS C 109 -44.69 5.52 -21.32
C LYS C 109 -43.53 5.33 -22.29
N VAL C 110 -42.60 6.28 -22.29
CA VAL C 110 -41.46 6.25 -23.19
C VAL C 110 -40.60 4.99 -23.11
N LEU C 111 -40.58 4.31 -21.96
CA LEU C 111 -39.79 3.10 -21.84
C LEU C 111 -40.66 1.86 -22.04
N GLU C 112 -41.88 2.09 -22.52
CA GLU C 112 -42.83 1.03 -22.77
C GLU C 112 -42.82 0.01 -21.63
N GLY C 113 -42.98 0.53 -20.41
CA GLY C 113 -43.00 -0.33 -19.25
C GLY C 113 -44.25 -1.20 -19.26
N ASN D 2 -19.08 41.23 22.80
CA ASN D 2 -18.28 40.26 22.00
C ASN D 2 -18.91 40.01 20.62
N VAL D 3 -18.17 40.37 19.57
CA VAL D 3 -18.63 40.22 18.20
C VAL D 3 -18.67 38.77 17.74
N SER D 4 -17.63 38.01 18.07
CA SER D 4 -17.56 36.60 17.67
C SER D 4 -18.72 35.78 18.22
N GLU D 5 -19.05 35.99 19.49
CA GLU D 5 -20.15 35.27 20.12
C GLU D 5 -21.47 35.70 19.50
N ALA D 6 -21.55 36.98 19.14
CA ALA D 6 -22.73 37.53 18.53
C ALA D 6 -22.95 36.98 17.12
N LEU D 7 -21.87 36.85 16.35
CA LEU D 7 -21.98 36.33 14.98
C LEU D 7 -22.41 34.88 15.03
N LYS D 8 -21.71 34.09 15.85
CA LYS D 8 -21.99 32.66 16.01
C LYS D 8 -23.41 32.42 16.50
N GLY D 9 -23.91 33.36 17.28
CA GLY D 9 -25.27 33.23 17.78
C GLY D 9 -26.24 33.32 16.64
N ALA D 10 -26.02 34.30 15.76
CA ALA D 10 -26.88 34.50 14.60
C ALA D 10 -26.77 33.34 13.60
N LEU D 11 -25.53 32.96 13.27
CA LEU D 11 -25.26 31.87 12.32
C LEU D 11 -26.03 30.56 12.57
N PRO D 12 -26.55 29.93 11.49
CA PRO D 12 -27.31 28.67 11.59
C PRO D 12 -26.32 27.53 11.88
N ASN D 13 -26.79 26.48 12.55
CA ASN D 13 -25.89 25.37 12.87
C ASN D 13 -25.35 24.76 11.59
N PHE D 14 -24.09 24.39 11.63
CA PHE D 14 -23.41 23.80 10.51
C PHE D 14 -22.64 22.67 11.16
N ILE D 15 -22.83 21.45 10.68
CA ILE D 15 -22.15 20.27 11.24
C ILE D 15 -21.09 19.82 10.25
N PRO D 16 -19.82 19.90 10.65
CA PRO D 16 -18.70 19.51 9.80
C PRO D 16 -18.88 18.13 9.21
N GLY D 17 -18.87 18.07 7.88
CA GLY D 17 -19.03 16.83 7.16
C GLY D 17 -20.47 16.60 6.69
N LEU D 18 -21.39 17.43 7.18
CA LEU D 18 -22.80 17.34 6.87
C LEU D 18 -23.32 18.65 6.26
N GLY D 19 -22.96 19.77 6.90
CA GLY D 19 -23.36 21.07 6.42
C GLY D 19 -24.50 21.61 7.24
N THR D 20 -25.23 22.55 6.66
CA THR D 20 -26.41 23.08 7.32
C THR D 20 -27.56 22.32 6.66
N LEU D 21 -28.28 21.55 7.46
CA LEU D 21 -29.34 20.71 6.93
C LEU D 21 -30.74 21.26 7.01
N TYR D 22 -31.48 20.97 5.95
CA TYR D 22 -32.89 21.32 5.89
C TYR D 22 -33.64 20.14 5.28
N VAL D 23 -34.82 19.86 5.82
CA VAL D 23 -35.64 18.79 5.27
C VAL D 23 -37.12 19.13 5.48
N ASP D 24 -37.90 18.92 4.44
CA ASP D 24 -39.34 19.14 4.47
C ASP D 24 -39.88 17.96 5.28
N PRO D 25 -40.36 18.21 6.51
CA PRO D 25 -40.88 17.08 7.31
C PRO D 25 -41.95 16.24 6.63
N SER D 26 -42.68 16.83 5.68
CA SER D 26 -43.73 16.08 5.00
C SER D 26 -43.16 15.07 4.01
N THR D 27 -41.84 15.08 3.81
CA THR D 27 -41.20 14.14 2.89
C THR D 27 -40.45 13.03 3.61
N LEU D 28 -40.44 13.06 4.94
CA LEU D 28 -39.77 12.02 5.71
C LEU D 28 -40.56 10.73 5.55
N PRO D 29 -39.93 9.57 5.79
CA PRO D 29 -38.54 9.46 6.21
C PRO D 29 -37.49 9.44 5.07
N GLU D 30 -37.93 9.30 3.81
CA GLU D 30 -36.97 9.23 2.70
C GLU D 30 -36.35 10.58 2.40
N GLY D 31 -37.10 11.64 2.64
CA GLY D 31 -36.59 12.99 2.39
C GLY D 31 -36.76 13.40 0.94
N PRO D 32 -35.70 13.86 0.25
CA PRO D 32 -34.31 14.01 0.71
C PRO D 32 -33.99 15.25 1.56
N PHE D 33 -32.99 15.15 2.44
CA PHE D 33 -32.63 16.35 3.17
C PHE D 33 -31.66 17.11 2.27
N LEU D 34 -31.61 18.42 2.43
CA LEU D 34 -30.75 19.29 1.63
C LEU D 34 -29.59 19.76 2.53
N ALA D 35 -28.38 19.73 2.01
CA ALA D 35 -27.21 20.14 2.76
C ALA D 35 -26.58 21.37 2.11
N TYR D 36 -26.41 22.43 2.90
CA TYR D 36 -25.86 23.71 2.44
C TYR D 36 -24.51 24.06 3.07
N ASP D 37 -23.67 24.78 2.33
CA ASP D 37 -22.39 25.19 2.90
C ASP D 37 -22.55 26.45 3.75
N ARG D 38 -21.45 26.98 4.26
CA ARG D 38 -21.54 28.16 5.11
C ARG D 38 -21.97 29.41 4.37
N ALA D 39 -21.87 29.40 3.04
CA ALA D 39 -22.28 30.54 2.23
C ALA D 39 -23.74 30.41 1.80
N GLY D 40 -24.35 29.27 2.13
CA GLY D 40 -25.74 29.08 1.76
C GLY D 40 -25.97 28.43 0.41
N ASN D 41 -24.93 27.92 -0.23
CA ASN D 41 -25.13 27.26 -1.52
C ASN D 41 -25.56 25.81 -1.28
N LEU D 42 -26.40 25.28 -2.14
CA LEU D 42 -26.83 23.88 -2.02
C LEU D 42 -25.65 22.97 -2.43
N VAL D 43 -25.22 22.06 -1.56
CA VAL D 43 -24.10 21.19 -1.88
C VAL D 43 -24.54 19.80 -2.33
N LYS D 44 -25.52 19.24 -1.62
CA LYS D 44 -26.00 17.92 -1.97
C LYS D 44 -27.42 17.67 -1.50
N VAL D 45 -28.07 16.72 -2.17
CA VAL D 45 -29.45 16.29 -1.92
C VAL D 45 -29.32 14.84 -1.47
N VAL D 46 -29.78 14.56 -0.27
CA VAL D 46 -29.62 13.24 0.33
C VAL D 46 -30.88 12.45 0.66
N PHE D 47 -31.02 11.30 0.01
CA PHE D 47 -32.15 10.39 0.25
C PHE D 47 -31.76 9.39 1.33
N VAL D 49 -32.72 5.65 3.28
CA VAL D 49 -33.47 4.40 3.20
C VAL D 49 -32.96 3.35 4.18
N PRO D 50 -33.88 2.68 4.89
CA PRO D 50 -33.41 1.65 5.84
C PRO D 50 -32.93 0.42 5.07
N LEU D 51 -31.84 -0.18 5.53
CA LEU D 51 -31.32 -1.40 4.92
C LEU D 51 -32.39 -2.50 4.98
N LYS D 52 -33.05 -2.64 6.14
CA LYS D 52 -34.10 -3.66 6.30
C LYS D 52 -35.08 -3.64 5.12
N LYS D 53 -35.63 -2.47 4.79
CA LYS D 53 -36.58 -2.39 3.66
C LYS D 53 -35.96 -2.94 2.36
N LEU D 54 -34.67 -2.64 2.14
CA LEU D 54 -34.00 -3.13 0.93
C LEU D 54 -33.96 -4.65 0.96
N ASN D 55 -33.66 -5.19 2.14
CA ASN D 55 -33.61 -6.63 2.30
C ASN D 55 -34.98 -7.28 2.10
N GLU D 56 -36.04 -6.50 2.28
CA GLU D 56 -37.38 -7.03 2.08
C GLU D 56 -37.85 -6.73 0.66
N SER D 57 -36.94 -6.21 -0.16
CA SER D 57 -37.27 -5.90 -1.56
C SER D 57 -38.35 -4.82 -1.73
N HIS D 58 -38.41 -3.86 -0.83
CA HIS D 58 -39.41 -2.81 -0.97
C HIS D 58 -39.10 -2.01 -2.21
N LYS D 59 -40.15 -1.52 -2.89
CA LYS D 59 -39.97 -0.74 -4.11
C LYS D 59 -40.21 0.73 -3.91
N TYR D 60 -39.15 1.53 -3.89
CA TYR D 60 -39.33 2.98 -3.74
C TYR D 60 -39.50 3.54 -5.13
N VAL D 61 -40.60 4.24 -5.37
CA VAL D 61 -40.84 4.79 -6.69
C VAL D 61 -41.29 6.23 -6.64
N ASP D 62 -40.82 7.05 -7.57
CA ASP D 62 -41.20 8.47 -7.63
C ASP D 62 -40.89 9.16 -6.31
N ILE D 63 -39.66 9.04 -5.85
CA ILE D 63 -39.26 9.64 -4.58
C ILE D 63 -38.64 11.01 -4.78
N GLY D 64 -38.85 11.88 -3.78
CA GLY D 64 -38.31 13.23 -3.79
C GLY D 64 -38.83 14.17 -4.84
N THR D 65 -39.91 13.79 -5.51
CA THR D 65 -40.49 14.60 -6.58
C THR D 65 -40.74 16.06 -6.22
N LYS D 66 -41.48 16.27 -5.14
CA LYS D 66 -41.82 17.61 -4.67
C LYS D 66 -40.58 18.44 -4.41
N THR D 67 -39.66 17.92 -3.60
CA THR D 67 -38.45 18.65 -3.29
C THR D 67 -37.63 18.98 -4.53
N LEU D 68 -37.41 17.97 -5.37
CA LEU D 68 -36.62 18.17 -6.58
C LEU D 68 -37.27 19.21 -7.49
N ARG D 69 -38.60 19.16 -7.61
CA ARG D 69 -39.30 20.12 -8.46
C ARG D 69 -39.06 21.54 -7.97
N ALA D 70 -39.09 21.73 -6.65
CA ALA D 70 -38.87 23.05 -6.11
C ALA D 70 -37.41 23.53 -6.16
N LEU D 71 -36.47 22.62 -6.43
CA LEU D 71 -35.05 23.00 -6.47
C LEU D 71 -34.62 23.66 -7.76
N GLY D 72 -35.14 23.14 -8.87
CA GLY D 72 -34.76 23.69 -10.16
C GLY D 72 -33.45 23.09 -10.62
N ILE D 73 -32.49 23.94 -10.97
CA ILE D 73 -31.19 23.47 -11.45
C ILE D 73 -30.32 22.83 -10.39
N THR D 74 -29.95 21.58 -10.63
CA THR D 74 -29.09 20.89 -9.68
C THR D 74 -27.73 20.43 -10.28
N ARG D 75 -27.68 20.12 -11.58
CA ARG D 75 -26.43 19.68 -12.23
C ARG D 75 -25.60 18.81 -11.28
N ILE D 76 -25.91 17.52 -11.30
CA ILE D 76 -25.25 16.57 -10.42
C ILE D 76 -23.83 16.25 -10.85
N ASP D 77 -22.90 16.27 -9.90
CA ASP D 77 -21.50 15.98 -10.22
C ASP D 77 -21.21 14.49 -10.01
N HIS D 78 -21.63 13.97 -8.87
CA HIS D 78 -21.41 12.56 -8.58
C HIS D 78 -22.40 12.06 -7.56
N VAL D 79 -22.30 10.76 -7.28
CA VAL D 79 -23.17 10.11 -6.32
C VAL D 79 -22.38 9.41 -5.23
N ASN D 80 -22.91 9.46 -4.01
CA ASN D 80 -22.33 8.76 -2.88
C ASN D 80 -23.45 7.87 -2.30
N ILE D 82 -23.56 6.12 1.34
CA ILE D 82 -22.90 5.95 2.62
C ILE D 82 -23.79 5.27 3.65
N PRO D 83 -23.29 4.19 4.29
CA PRO D 83 -24.08 3.47 5.30
C PRO D 83 -24.15 4.29 6.60
N SER D 84 -25.24 4.17 7.35
CA SER D 84 -25.39 4.90 8.61
C SER D 84 -26.31 4.17 9.60
N GLY D 85 -25.85 4.04 10.84
CA GLY D 85 -26.67 3.38 11.85
C GLY D 85 -26.42 1.89 12.06
N PRO D 86 -26.78 1.35 13.24
CA PRO D 86 -27.40 2.09 14.33
C PRO D 86 -26.44 2.75 15.31
N HIS D 87 -26.95 3.76 16.02
CA HIS D 87 -26.19 4.50 17.00
C HIS D 87 -27.19 5.39 17.73
N PRO D 88 -26.77 6.03 18.82
CA PRO D 88 -27.73 6.89 19.52
C PRO D 88 -28.42 7.77 18.50
N GLY D 89 -29.75 7.74 18.46
CA GLY D 89 -30.46 8.56 17.49
C GLY D 89 -30.96 7.84 16.23
N VAL D 90 -30.32 6.74 15.85
CA VAL D 90 -30.72 5.98 14.66
C VAL D 90 -30.83 4.49 15.03
N SER D 91 -32.07 4.03 15.21
CA SER D 91 -32.36 2.66 15.61
C SER D 91 -32.03 1.52 14.67
N GLU D 92 -31.82 1.81 13.38
CA GLU D 92 -31.49 0.73 12.45
C GLU D 92 -30.60 1.24 11.34
N PRO D 93 -29.86 0.34 10.69
CA PRO D 93 -28.95 0.68 9.58
C PRO D 93 -29.73 1.36 8.45
N HIS D 94 -29.09 2.34 7.86
CA HIS D 94 -29.66 3.10 6.74
C HIS D 94 -28.58 3.36 5.72
N TYR D 95 -29.00 3.83 4.55
CA TYR D 95 -28.02 4.23 3.55
C TYR D 95 -28.43 5.63 3.14
N HIS D 96 -27.45 6.52 3.04
CA HIS D 96 -27.67 7.89 2.59
C HIS D 96 -27.27 7.84 1.13
N ILE D 97 -28.21 8.13 0.24
CA ILE D 97 -27.94 8.14 -1.20
C ILE D 97 -27.81 9.63 -1.53
N GLU D 98 -26.59 10.06 -1.80
CA GLU D 98 -26.32 11.48 -2.06
C GLU D 98 -26.07 11.86 -3.49
N LEU D 99 -26.74 12.93 -3.90
CA LEU D 99 -26.60 13.53 -5.24
C LEU D 99 -25.77 14.78 -4.94
N VAL D 100 -24.48 14.75 -5.29
CA VAL D 100 -23.60 15.87 -4.98
C VAL D 100 -23.44 16.82 -6.16
N LEU D 101 -23.65 18.10 -5.89
CA LEU D 101 -23.61 19.14 -6.93
C LEU D 101 -22.27 19.80 -7.20
N VAL D 102 -21.21 19.29 -6.57
CA VAL D 102 -19.87 19.80 -6.80
C VAL D 102 -18.94 18.58 -6.78
N SER D 103 -17.67 18.80 -7.08
CA SER D 103 -16.69 17.72 -7.09
C SER D 103 -16.57 17.11 -5.70
N VAL D 104 -16.12 15.85 -5.64
CA VAL D 104 -15.96 15.20 -4.36
C VAL D 104 -14.96 15.96 -3.48
N ASP D 105 -13.91 16.56 -4.04
CA ASP D 105 -13.00 17.29 -3.18
C ASP D 105 -13.62 18.60 -2.67
N GLN D 106 -14.39 19.27 -3.52
CA GLN D 106 -15.05 20.50 -3.10
C GLN D 106 -16.07 20.21 -2.01
N GLU D 107 -16.77 19.09 -2.12
CA GLU D 107 -17.79 18.74 -1.14
C GLU D 107 -17.11 18.62 0.21
N ARG D 108 -16.02 17.87 0.27
CA ARG D 108 -15.30 17.71 1.54
C ARG D 108 -14.80 19.06 2.01
N LYS D 109 -14.35 19.88 1.07
CA LYS D 109 -13.84 21.20 1.40
C LYS D 109 -14.93 22.16 1.94
N VAL D 110 -16.00 22.42 1.18
CA VAL D 110 -17.01 23.36 1.68
C VAL D 110 -17.81 22.84 2.88
N LEU D 111 -17.96 21.52 3.03
CA LEU D 111 -18.67 21.00 4.18
C LEU D 111 -17.72 20.73 5.35
N GLU D 112 -16.45 21.10 5.18
CA GLU D 112 -15.47 20.90 6.24
C GLU D 112 -15.51 19.46 6.76
N GLY D 113 -15.52 18.49 5.85
CA GLY D 113 -15.56 17.11 6.29
C GLY D 113 -14.24 16.39 6.18
N GLU D 114 -14.10 15.33 6.97
CA GLU D 114 -12.89 14.51 6.92
C GLU D 114 -12.83 13.85 5.56
N PRO D 115 -11.62 13.70 4.98
CA PRO D 115 -11.50 13.04 3.67
C PRO D 115 -12.10 11.64 3.75
N TYR D 116 -12.66 11.15 2.66
CA TYR D 116 -13.28 9.82 2.65
C TYR D 116 -12.32 8.65 2.85
N GLY E 9 -36.40 7.31 11.75
CA GLY E 9 -35.65 7.71 10.51
C GLY E 9 -34.16 7.81 10.72
N ALA E 10 -33.44 8.23 9.68
CA ALA E 10 -31.99 8.36 9.76
C ALA E 10 -31.53 9.65 10.42
N LEU E 11 -32.44 10.61 10.58
CA LEU E 11 -32.10 11.88 11.21
C LEU E 11 -32.33 11.78 12.71
N PRO E 12 -31.56 12.54 13.50
CA PRO E 12 -31.68 12.52 14.97
C PRO E 12 -32.87 13.27 15.57
N ASN E 13 -33.31 12.78 16.71
CA ASN E 13 -34.39 13.40 17.49
C ASN E 13 -33.80 13.64 18.87
N PHE E 14 -34.27 14.68 19.56
CA PHE E 14 -33.76 14.98 20.89
C PHE E 14 -33.98 13.82 21.86
N ILE E 15 -32.89 13.33 22.42
CA ILE E 15 -32.94 12.22 23.36
C ILE E 15 -32.43 12.68 24.72
N PRO E 16 -33.21 12.44 25.79
CA PRO E 16 -32.77 12.86 27.12
C PRO E 16 -31.37 12.34 27.45
N GLY E 17 -30.57 13.18 28.07
CA GLY E 17 -29.22 12.77 28.42
C GLY E 17 -28.19 12.98 27.32
N LEU E 18 -28.62 12.96 26.07
CA LEU E 18 -27.69 13.18 24.96
C LEU E 18 -28.00 14.41 24.13
N GLY E 19 -29.29 14.72 23.99
CA GLY E 19 -29.69 15.87 23.21
C GLY E 19 -29.86 15.39 21.78
N THR E 20 -29.77 16.30 20.83
CA THR E 20 -29.90 15.90 19.43
C THR E 20 -28.50 15.74 18.85
N LEU E 21 -28.19 14.50 18.51
CA LEU E 21 -26.90 14.11 18.00
C LEU E 21 -26.74 14.07 16.49
N TYR E 22 -25.84 14.90 15.97
CA TYR E 22 -25.58 14.94 14.54
C TYR E 22 -24.20 14.37 14.26
N VAL E 23 -24.02 13.82 13.06
CA VAL E 23 -22.73 13.24 12.70
C VAL E 23 -22.62 13.00 11.20
N ASP E 24 -21.41 13.20 10.67
CA ASP E 24 -21.08 12.93 9.27
C ASP E 24 -21.03 11.40 9.26
N PRO E 25 -22.01 10.73 8.62
CA PRO E 25 -21.97 9.25 8.61
C PRO E 25 -20.68 8.59 8.11
N SER E 26 -19.92 9.28 7.26
CA SER E 26 -18.70 8.67 6.74
C SER E 26 -17.60 8.57 7.82
N THR E 27 -17.82 9.20 8.97
CA THR E 27 -16.82 9.13 10.03
C THR E 27 -17.24 8.13 11.12
N LEU E 28 -18.36 7.45 10.91
CA LEU E 28 -18.82 6.46 11.87
C LEU E 28 -17.72 5.42 11.97
N PRO E 29 -17.65 4.70 13.11
CA PRO E 29 -18.53 4.82 14.27
C PRO E 29 -18.18 5.90 15.29
N GLU E 30 -16.89 6.22 15.40
CA GLU E 30 -16.43 7.21 16.37
C GLU E 30 -16.94 8.64 16.19
N GLY E 31 -17.09 9.07 14.94
CA GLY E 31 -17.55 10.43 14.72
C GLY E 31 -16.39 11.42 14.63
N PRO E 32 -16.29 12.39 15.55
CA PRO E 32 -17.22 12.62 16.67
C PRO E 32 -18.57 13.18 16.29
N PHE E 33 -19.52 13.04 17.22
CA PHE E 33 -20.89 13.52 17.13
C PHE E 33 -21.01 14.87 17.83
N LEU E 34 -21.90 15.73 17.33
CA LEU E 34 -22.17 17.03 17.96
C LEU E 34 -23.57 16.89 18.61
N ALA E 35 -23.66 17.25 19.88
CA ALA E 35 -24.89 17.18 20.66
C ALA E 35 -25.46 18.56 20.97
N TYR E 36 -26.67 18.83 20.48
CA TYR E 36 -27.31 20.12 20.72
C TYR E 36 -28.50 20.03 21.66
N ASP E 37 -28.75 21.10 22.41
CA ASP E 37 -29.89 21.11 23.31
C ASP E 37 -31.09 21.52 22.46
N ARG E 38 -32.28 21.49 23.05
CA ARG E 38 -33.49 21.84 22.32
C ARG E 38 -33.45 23.21 21.64
N ALA E 39 -32.72 24.16 22.23
CA ALA E 39 -32.64 25.48 21.62
C ALA E 39 -31.60 25.51 20.50
N GLY E 40 -31.04 24.35 20.18
CA GLY E 40 -30.04 24.30 19.13
C GLY E 40 -28.66 24.85 19.50
N ASN E 41 -28.31 24.80 20.77
CA ASN E 41 -26.99 25.28 21.18
C ASN E 41 -26.12 24.05 21.31
N LEU E 42 -24.87 24.14 20.88
CA LEU E 42 -23.96 23.01 20.97
C LEU E 42 -23.59 22.82 22.43
N VAL E 43 -23.81 21.62 22.94
CA VAL E 43 -23.49 21.32 24.32
C VAL E 43 -22.17 20.55 24.45
N LYS E 44 -21.96 19.57 23.58
CA LYS E 44 -20.74 18.78 23.67
C LYS E 44 -20.33 18.07 22.38
N VAL E 45 -19.05 17.68 22.31
CA VAL E 45 -18.53 16.94 21.17
C VAL E 45 -18.39 15.53 21.77
N VAL E 46 -18.90 14.54 21.06
CA VAL E 46 -18.88 13.18 21.57
C VAL E 46 -18.23 12.17 20.62
N PHE E 47 -17.14 11.56 21.06
CA PHE E 47 -16.51 10.52 20.28
C PHE E 47 -17.18 9.22 20.78
N VAL E 49 -16.57 5.66 20.93
CA VAL E 49 -15.53 4.65 20.79
C VAL E 49 -15.93 3.22 21.13
N PRO E 50 -15.85 2.32 20.13
CA PRO E 50 -16.21 0.91 20.37
C PRO E 50 -15.22 0.38 21.42
N LEU E 51 -15.73 -0.17 22.51
CA LEU E 51 -14.88 -0.71 23.56
C LEU E 51 -13.96 -1.80 23.00
N LYS E 52 -14.42 -2.43 21.93
CA LYS E 52 -13.66 -3.49 21.24
C LYS E 52 -12.33 -2.99 20.64
N LYS E 53 -12.33 -1.80 20.08
CA LYS E 53 -11.11 -1.26 19.50
C LYS E 53 -10.13 -1.01 20.63
N LEU E 54 -10.63 -0.47 21.75
CA LEU E 54 -9.79 -0.18 22.91
C LEU E 54 -9.16 -1.47 23.46
N ASN E 55 -9.92 -2.56 23.43
CA ASN E 55 -9.39 -3.83 23.90
C ASN E 55 -8.36 -4.40 22.91
N GLU E 56 -8.38 -3.92 21.67
CA GLU E 56 -7.41 -4.39 20.70
C GLU E 56 -6.22 -3.40 20.68
N SER E 57 -6.23 -2.43 21.59
CA SER E 57 -5.17 -1.42 21.69
C SER E 57 -4.99 -0.60 20.42
N HIS E 58 -6.10 -0.30 19.76
CA HIS E 58 -6.06 0.51 18.55
C HIS E 58 -5.51 1.87 19.00
N LYS E 59 -4.73 2.53 18.15
CA LYS E 59 -4.18 3.82 18.50
C LYS E 59 -4.97 4.88 17.77
N TYR E 60 -5.74 5.68 18.48
CA TYR E 60 -6.49 6.74 17.83
C TYR E 60 -5.55 7.96 17.83
N VAL E 61 -5.20 8.39 16.63
CA VAL E 61 -4.30 9.52 16.45
C VAL E 61 -4.97 10.56 15.57
N ASP E 62 -4.93 11.81 16.02
CA ASP E 62 -5.47 12.94 15.27
C ASP E 62 -6.93 12.78 14.79
N ILE E 63 -7.86 12.48 15.70
CA ILE E 63 -9.27 12.31 15.32
C ILE E 63 -10.10 13.54 15.69
N GLY E 64 -11.18 13.75 14.95
CA GLY E 64 -12.07 14.89 15.17
C GLY E 64 -11.44 16.22 14.82
N THR E 65 -10.36 16.18 14.07
CA THR E 65 -9.65 17.39 13.68
C THR E 65 -10.56 18.42 13.03
N LYS E 66 -11.29 18.01 11.99
CA LYS E 66 -12.17 18.96 11.29
C LYS E 66 -13.25 19.56 12.20
N THR E 67 -13.93 18.72 12.97
CA THR E 67 -14.99 19.20 13.86
C THR E 67 -14.49 20.13 14.95
N LEU E 68 -13.41 19.73 15.63
CA LEU E 68 -12.86 20.55 16.71
C LEU E 68 -12.36 21.90 16.22
N ARG E 69 -11.72 21.92 15.06
CA ARG E 69 -11.23 23.17 14.53
C ARG E 69 -12.41 24.09 14.22
N ALA E 70 -13.53 23.50 13.82
CA ALA E 70 -14.73 24.28 13.53
C ALA E 70 -15.23 25.02 14.78
N LEU E 71 -14.82 24.56 15.96
CA LEU E 71 -15.25 25.23 17.18
C LEU E 71 -14.54 26.57 17.36
N GLY E 72 -13.40 26.75 16.68
CA GLY E 72 -12.68 28.00 16.85
C GLY E 72 -12.20 28.12 18.27
N ILE E 73 -11.94 29.34 18.72
CA ILE E 73 -11.47 29.57 20.09
C ILE E 73 -12.61 29.25 21.05
N THR E 74 -12.42 28.20 21.84
CA THR E 74 -13.48 27.78 22.74
C THR E 74 -12.99 27.45 24.15
N ARG E 75 -13.93 27.09 25.01
CA ARG E 75 -13.60 26.71 26.36
C ARG E 75 -14.21 25.35 26.65
N ILE E 76 -13.39 24.38 27.01
CA ILE E 76 -13.88 23.05 27.35
C ILE E 76 -14.12 23.08 28.88
N ASP E 77 -15.37 22.92 29.30
CA ASP E 77 -15.69 22.95 30.73
C ASP E 77 -15.21 21.68 31.45
N HIS E 78 -15.53 20.54 30.87
CA HIS E 78 -15.12 19.28 31.45
C HIS E 78 -15.24 18.16 30.47
N VAL E 79 -14.76 17.00 30.87
CA VAL E 79 -14.84 15.82 30.04
C VAL E 79 -15.66 14.72 30.74
N ASN E 80 -16.39 13.94 29.96
CA ASN E 80 -17.09 12.79 30.52
C ASN E 80 -16.58 11.59 29.72
N ILE E 82 -18.34 8.04 29.49
CA ILE E 82 -19.52 7.27 29.85
C ILE E 82 -19.80 6.07 28.96
N PRO E 83 -20.11 4.93 29.55
CA PRO E 83 -20.41 3.73 28.77
C PRO E 83 -21.77 3.93 28.07
N SER E 84 -21.88 3.50 26.82
CA SER E 84 -23.14 3.64 26.09
C SER E 84 -24.29 2.94 26.82
N GLY E 85 -25.44 3.60 26.91
CA GLY E 85 -26.57 2.98 27.59
C GLY E 85 -27.37 2.16 26.59
N PRO E 86 -28.59 1.73 26.95
CA PRO E 86 -29.36 0.94 25.98
C PRO E 86 -29.78 1.86 24.82
N HIS E 87 -29.54 1.38 23.60
CA HIS E 87 -29.93 2.14 22.41
C HIS E 87 -30.43 1.15 21.38
N PRO E 88 -31.68 1.33 20.94
CA PRO E 88 -32.28 0.43 19.94
C PRO E 88 -31.36 0.12 18.76
N GLY E 89 -31.24 -1.17 18.43
CA GLY E 89 -30.39 -1.59 17.33
C GLY E 89 -28.91 -1.71 17.63
N VAL E 90 -28.40 -0.90 18.55
CA VAL E 90 -26.99 -0.94 18.93
C VAL E 90 -26.68 -2.27 19.61
N SER E 91 -25.70 -2.99 19.09
CA SER E 91 -25.39 -4.29 19.64
C SER E 91 -24.01 -4.48 20.29
N GLU E 92 -23.16 -3.46 20.23
CA GLU E 92 -21.84 -3.56 20.83
C GLU E 92 -21.59 -2.43 21.81
N PRO E 93 -20.75 -2.66 22.80
CA PRO E 93 -20.48 -1.61 23.77
C PRO E 93 -19.55 -0.52 23.23
N HIS E 94 -19.86 0.72 23.58
CA HIS E 94 -19.05 1.88 23.20
C HIS E 94 -18.88 2.75 24.42
N TYR E 95 -17.90 3.63 24.34
CA TYR E 95 -17.72 4.59 25.41
C TYR E 95 -17.94 5.94 24.74
N HIS E 96 -18.62 6.84 25.45
CA HIS E 96 -18.84 8.18 24.95
C HIS E 96 -17.78 9.07 25.59
N ILE E 97 -16.79 9.47 24.80
CA ILE E 97 -15.75 10.35 25.31
C ILE E 97 -16.29 11.71 24.94
N GLU E 98 -16.66 12.47 25.95
CA GLU E 98 -17.29 13.75 25.73
C GLU E 98 -16.52 14.98 26.16
N LEU E 99 -16.46 15.97 25.28
CA LEU E 99 -15.81 17.24 25.60
C LEU E 99 -17.04 18.17 25.71
N VAL E 100 -17.39 18.52 26.94
CA VAL E 100 -18.56 19.33 27.24
C VAL E 100 -18.23 20.82 27.35
N LEU E 101 -19.02 21.63 26.67
CA LEU E 101 -18.82 23.07 26.62
C LEU E 101 -19.54 23.87 27.72
N VAL E 102 -20.26 23.19 28.60
CA VAL E 102 -20.96 23.87 29.69
C VAL E 102 -20.73 23.08 30.97
N SER E 103 -21.09 23.68 32.11
CA SER E 103 -20.92 23.04 33.40
C SER E 103 -21.73 21.75 33.46
N VAL E 104 -21.30 20.81 34.30
CA VAL E 104 -22.00 19.54 34.38
C VAL E 104 -23.46 19.73 34.75
N ASP E 105 -23.75 20.79 35.48
CA ASP E 105 -25.12 21.07 35.90
C ASP E 105 -25.89 21.73 34.75
N GLN E 106 -25.21 22.58 34.00
CA GLN E 106 -25.84 23.22 32.85
C GLN E 106 -26.19 22.10 31.88
N GLU E 107 -25.22 21.20 31.67
CA GLU E 107 -25.36 20.05 30.76
C GLU E 107 -26.57 19.18 31.09
N ARG E 108 -26.69 18.79 32.35
CA ARG E 108 -27.80 17.93 32.79
C ARG E 108 -29.14 18.64 32.59
N LYS E 109 -29.14 19.93 32.82
CA LYS E 109 -30.35 20.70 32.68
C LYS E 109 -30.81 20.79 31.21
N VAL E 110 -29.95 21.29 30.34
CA VAL E 110 -30.37 21.44 28.95
C VAL E 110 -30.55 20.17 28.13
N LEU E 111 -30.00 19.06 28.62
CA LEU E 111 -30.16 17.80 27.92
C LEU E 111 -31.32 17.03 28.52
N GLU E 112 -31.90 17.60 29.58
CA GLU E 112 -33.04 16.98 30.22
C GLU E 112 -32.73 15.54 30.64
N GLY E 113 -31.59 15.37 31.31
CA GLY E 113 -31.22 14.05 31.75
C GLY E 113 -29.82 14.06 32.33
N ASN F 2 31.00 24.46 32.02
CA ASN F 2 30.64 25.16 30.79
C ASN F 2 29.23 25.76 30.83
N VAL F 3 28.96 26.67 29.91
CA VAL F 3 27.66 27.31 29.86
C VAL F 3 26.56 26.33 29.48
N SER F 4 26.84 25.41 28.55
CA SER F 4 25.81 24.46 28.15
C SER F 4 25.23 23.71 29.35
N GLU F 5 26.09 23.16 30.19
CA GLU F 5 25.63 22.40 31.37
C GLU F 5 24.85 23.29 32.33
N ALA F 6 25.31 24.52 32.52
CA ALA F 6 24.61 25.46 33.40
C ALA F 6 23.21 25.72 32.84
N LEU F 7 23.09 25.79 31.51
CA LEU F 7 21.79 25.98 30.90
C LEU F 7 20.94 24.73 31.11
N LYS F 8 21.47 23.60 30.72
CA LYS F 8 20.77 22.34 30.87
C LYS F 8 20.29 22.20 32.29
N GLY F 9 21.16 22.56 33.23
CA GLY F 9 20.82 22.48 34.63
C GLY F 9 19.65 23.34 35.06
N ALA F 10 19.50 24.53 34.46
CA ALA F 10 18.41 25.42 34.82
C ALA F 10 17.09 25.13 34.11
N LEU F 11 17.13 24.36 33.03
CA LEU F 11 15.92 24.04 32.28
C LEU F 11 15.09 22.93 32.93
N PRO F 12 13.76 23.08 32.95
CA PRO F 12 12.88 22.06 33.53
C PRO F 12 13.07 20.74 32.84
N ASN F 13 12.69 19.66 33.52
CA ASN F 13 12.84 18.32 32.95
C ASN F 13 11.92 18.21 31.73
N PHE F 14 12.48 17.77 30.61
CA PHE F 14 11.70 17.61 29.39
C PHE F 14 11.95 16.22 28.85
N ILE F 15 10.88 15.45 28.65
CA ILE F 15 11.04 14.11 28.10
C ILE F 15 10.55 14.04 26.66
N PRO F 16 11.45 13.62 25.75
CA PRO F 16 11.15 13.51 24.34
C PRO F 16 9.91 12.64 24.15
N GLY F 17 8.91 13.20 23.48
CA GLY F 17 7.68 12.47 23.24
C GLY F 17 6.62 12.73 24.30
N LEU F 18 7.00 13.32 25.43
CA LEU F 18 6.04 13.65 26.51
C LEU F 18 5.98 15.13 26.85
N GLY F 19 7.15 15.79 26.79
CA GLY F 19 7.25 17.20 27.12
C GLY F 19 7.50 17.38 28.60
N THR F 20 7.24 18.58 29.10
CA THR F 20 7.41 18.85 30.53
C THR F 20 6.01 18.66 31.11
N LEU F 21 5.89 17.67 32.00
CA LEU F 21 4.61 17.30 32.60
C LEU F 21 4.31 17.84 33.98
N TYR F 22 3.05 18.19 34.16
CA TYR F 22 2.57 18.69 35.43
C TYR F 22 1.15 18.23 35.66
N VAL F 23 0.82 17.94 36.90
CA VAL F 23 -0.53 17.51 37.20
C VAL F 23 -0.88 17.93 38.61
N ASP F 24 -2.15 18.19 38.85
CA ASP F 24 -2.59 18.55 40.20
C ASP F 24 -2.68 17.21 40.94
N PRO F 25 -1.82 17.02 41.97
CA PRO F 25 -1.78 15.77 42.76
C PRO F 25 -3.13 15.36 43.29
N SER F 26 -4.01 16.33 43.53
CA SER F 26 -5.35 16.03 44.05
C SER F 26 -6.26 15.46 42.97
N THR F 27 -5.82 15.49 41.71
CA THR F 27 -6.65 14.97 40.61
C THR F 27 -6.23 13.58 40.14
N LEU F 28 -5.18 13.04 40.72
CA LEU F 28 -4.71 11.72 40.36
C LEU F 28 -5.73 10.68 40.81
N PRO F 29 -5.74 9.49 40.16
CA PRO F 29 -4.88 9.03 39.08
C PRO F 29 -5.27 9.53 37.68
N GLU F 30 -6.51 9.96 37.51
CA GLU F 30 -6.96 10.43 36.20
C GLU F 30 -6.30 11.70 35.67
N GLY F 31 -6.08 12.67 36.56
CA GLY F 31 -5.48 13.91 36.13
C GLY F 31 -6.52 15.00 35.87
N PRO F 32 -6.44 15.69 34.73
CA PRO F 32 -5.47 15.55 33.64
C PRO F 32 -4.04 16.08 33.84
N PHE F 33 -3.14 15.51 33.02
CA PHE F 33 -1.75 15.92 33.03
C PHE F 33 -1.62 16.98 31.94
N LEU F 34 -0.80 18.00 32.19
CA LEU F 34 -0.60 19.05 31.22
C LEU F 34 0.83 18.90 30.68
N ALA F 35 0.97 18.83 29.36
CA ALA F 35 2.28 18.67 28.73
C ALA F 35 2.68 19.94 28.03
N TYR F 36 3.81 20.50 28.45
CA TYR F 36 4.35 21.73 27.88
C TYR F 36 5.56 21.47 27.01
N ASP F 37 5.82 22.33 26.03
CA ASP F 37 7.00 22.16 25.20
C ASP F 37 8.19 22.90 25.83
N ARG F 38 9.32 22.94 25.14
CA ARG F 38 10.51 23.60 25.67
C ARG F 38 10.34 25.11 25.85
N ALA F 39 9.35 25.69 25.18
CA ALA F 39 9.12 27.13 25.27
C ALA F 39 8.13 27.43 26.40
N GLY F 40 7.60 26.39 27.02
CA GLY F 40 6.68 26.63 28.11
C GLY F 40 5.25 26.79 27.66
N ASN F 41 4.97 26.48 26.40
CA ASN F 41 3.61 26.54 25.86
C ASN F 41 2.91 25.20 26.15
N LEU F 42 1.63 25.27 26.52
CA LEU F 42 0.85 24.06 26.79
C LEU F 42 0.50 23.40 25.45
N VAL F 43 0.94 22.16 25.29
CA VAL F 43 0.73 21.37 24.08
C VAL F 43 -0.51 20.48 24.14
N LYS F 44 -0.74 19.86 25.29
CA LYS F 44 -1.88 18.96 25.42
C LYS F 44 -2.29 18.66 26.84
N VAL F 45 -3.53 18.18 26.98
CA VAL F 45 -4.17 17.82 28.23
C VAL F 45 -4.43 16.31 28.16
N VAL F 46 -3.82 15.57 29.09
CA VAL F 46 -3.92 14.12 29.07
C VAL F 46 -4.66 13.43 30.24
N PHE F 47 -5.75 12.73 29.94
CA PHE F 47 -6.50 11.99 30.96
C PHE F 47 -6.00 10.54 30.93
N VAL F 49 -6.80 6.65 31.93
CA VAL F 49 -7.86 5.74 32.35
C VAL F 49 -7.48 4.27 32.17
N PRO F 50 -7.73 3.45 33.21
CA PRO F 50 -7.41 2.02 33.11
C PRO F 50 -8.44 1.37 32.22
N LEU F 51 -7.98 0.51 31.33
CA LEU F 51 -8.86 -0.20 30.41
C LEU F 51 -9.90 -1.02 31.19
N LYS F 52 -9.47 -1.64 32.28
CA LYS F 52 -10.38 -2.44 33.09
C LYS F 52 -11.60 -1.65 33.55
N LYS F 53 -11.40 -0.38 33.93
CA LYS F 53 -12.50 0.45 34.38
C LYS F 53 -13.50 0.65 33.24
N LEU F 54 -12.99 0.74 32.01
CA LEU F 54 -13.86 0.93 30.85
C LEU F 54 -14.66 -0.35 30.61
N ASN F 55 -14.01 -1.50 30.80
CA ASN F 55 -14.71 -2.76 30.61
C ASN F 55 -15.75 -3.03 31.72
N GLU F 56 -15.56 -2.42 32.89
CA GLU F 56 -16.50 -2.60 33.99
C GLU F 56 -17.54 -1.46 34.00
N SER F 57 -17.53 -0.68 32.92
CA SER F 57 -18.47 0.42 32.73
C SER F 57 -18.47 1.53 33.77
N HIS F 58 -17.30 1.84 34.31
CA HIS F 58 -17.20 2.94 35.26
C HIS F 58 -17.67 4.24 34.56
N LYS F 59 -18.40 5.07 35.28
CA LYS F 59 -18.87 6.32 34.71
C LYS F 59 -18.01 7.46 35.20
N TYR F 60 -17.29 8.07 34.26
CA TYR F 60 -16.42 9.20 34.56
C TYR F 60 -17.21 10.44 34.18
N VAL F 61 -17.60 11.22 35.18
CA VAL F 61 -18.40 12.43 34.93
C VAL F 61 -17.71 13.65 35.51
N ASP F 62 -17.80 14.76 34.78
CA ASP F 62 -17.22 16.02 35.21
C ASP F 62 -15.75 15.88 35.59
N ILE F 63 -14.96 15.30 34.70
CA ILE F 63 -13.54 15.09 34.97
C ILE F 63 -12.68 16.25 34.47
N GLY F 64 -11.63 16.57 35.21
CA GLY F 64 -10.71 17.65 34.86
C GLY F 64 -11.25 19.08 34.93
N THR F 65 -12.37 19.27 35.61
CA THR F 65 -12.97 20.61 35.70
C THR F 65 -12.06 21.67 36.30
N LYS F 66 -11.49 21.36 37.47
CA LYS F 66 -10.59 22.29 38.17
C LYS F 66 -9.42 22.68 37.26
N THR F 67 -8.68 21.68 36.79
CA THR F 67 -7.54 21.90 35.92
C THR F 67 -7.92 22.67 34.65
N LEU F 68 -8.93 22.18 33.94
CA LEU F 68 -9.39 22.83 32.72
C LEU F 68 -9.73 24.31 32.91
N ARG F 69 -10.60 24.59 33.88
CA ARG F 69 -11.02 25.96 34.19
C ARG F 69 -9.83 26.89 34.36
N ALA F 70 -8.77 26.38 34.99
CA ALA F 70 -7.58 27.18 35.22
C ALA F 70 -6.87 27.53 33.92
N LEU F 71 -7.06 26.71 32.89
CA LEU F 71 -6.42 26.99 31.61
C LEU F 71 -6.84 28.34 31.05
N GLY F 72 -7.88 28.32 30.22
CA GLY F 72 -8.36 29.55 29.60
C GLY F 72 -8.90 29.25 28.23
N ILE F 73 -9.27 30.28 27.48
CA ILE F 73 -9.79 30.06 26.14
C ILE F 73 -8.68 29.49 25.28
N THR F 74 -9.04 28.58 24.39
CA THR F 74 -8.06 27.97 23.53
C THR F 74 -8.75 27.15 22.46
N ARG F 75 -8.04 26.92 21.38
CA ARG F 75 -8.55 26.11 20.31
C ARG F 75 -8.16 24.69 20.68
N ILE F 76 -8.93 23.71 20.24
CA ILE F 76 -8.59 22.32 20.47
C ILE F 76 -8.38 21.90 19.03
N ASP F 77 -7.25 21.29 18.73
CA ASP F 77 -7.00 20.87 17.36
C ASP F 77 -7.48 19.44 17.07
N HIS F 78 -7.15 18.53 17.96
CA HIS F 78 -7.55 17.15 17.77
C HIS F 78 -7.43 16.34 19.05
N VAL F 79 -7.88 15.10 18.95
CA VAL F 79 -7.85 14.17 20.07
C VAL F 79 -7.06 12.90 19.71
N ASN F 80 -6.37 12.35 20.70
CA ASN F 80 -5.66 11.10 20.50
C ASN F 80 -6.12 10.21 21.64
N ILE F 82 -4.31 6.89 23.05
CA ILE F 82 -3.15 6.01 22.94
C ILE F 82 -3.11 4.95 24.03
N PRO F 83 -2.93 3.68 23.66
CA PRO F 83 -2.88 2.59 24.65
C PRO F 83 -1.54 2.55 25.40
N SER F 84 -1.58 2.22 26.68
CA SER F 84 -0.37 2.16 27.49
C SER F 84 -0.35 1.09 28.59
N GLY F 85 0.68 0.25 28.55
CA GLY F 85 0.84 -0.78 29.58
C GLY F 85 0.27 -2.16 29.35
N PRO F 86 0.64 -3.11 30.21
CA PRO F 86 1.54 -2.84 31.34
C PRO F 86 3.03 -2.82 31.02
N HIS F 87 3.81 -2.30 31.96
CA HIS F 87 5.26 -2.26 31.87
C HIS F 87 5.72 -1.70 33.21
N PRO F 88 7.03 -1.73 33.49
CA PRO F 88 7.47 -1.20 34.78
C PRO F 88 6.81 0.14 35.07
N GLY F 89 6.23 0.30 36.24
CA GLY F 89 5.58 1.57 36.52
C GLY F 89 4.10 1.63 36.21
N VAL F 90 3.62 0.73 35.34
CA VAL F 90 2.20 0.67 34.99
C VAL F 90 1.77 -0.80 35.07
N SER F 91 1.05 -1.15 36.14
CA SER F 91 0.61 -2.53 36.38
C SER F 91 -0.52 -3.11 35.53
N GLU F 92 -1.22 -2.28 34.76
CA GLU F 92 -2.30 -2.79 33.92
C GLU F 92 -2.56 -1.84 32.75
N PRO F 93 -3.19 -2.35 31.68
CA PRO F 93 -3.49 -1.54 30.51
C PRO F 93 -4.25 -0.27 30.82
N HIS F 94 -3.83 0.82 30.20
CA HIS F 94 -4.43 2.13 30.35
C HIS F 94 -4.64 2.77 28.97
N TYR F 95 -5.35 3.89 28.94
CA TYR F 95 -5.52 4.67 27.74
C TYR F 95 -5.25 6.11 28.12
N HIS F 96 -4.54 6.80 27.24
CA HIS F 96 -4.23 8.20 27.46
C HIS F 96 -5.20 8.92 26.55
N ILE F 97 -6.10 9.72 27.12
CA ILE F 97 -7.03 10.45 26.29
C ILE F 97 -6.45 11.86 26.27
N GLU F 98 -6.03 12.27 25.09
CA GLU F 98 -5.36 13.54 24.93
C GLU F 98 -6.13 14.59 24.12
N LEU F 99 -6.20 15.78 24.70
CA LEU F 99 -6.83 16.95 24.06
C LEU F 99 -5.60 17.75 23.61
N VAL F 100 -5.33 17.75 22.32
CA VAL F 100 -4.15 18.41 21.76
C VAL F 100 -4.46 19.80 21.22
N LEU F 101 -3.72 20.79 21.66
CA LEU F 101 -3.97 22.17 21.30
C LEU F 101 -3.24 22.72 20.09
N VAL F 102 -2.55 21.84 19.35
CA VAL F 102 -1.83 22.20 18.13
C VAL F 102 -2.00 21.01 17.14
N SER F 103 -1.65 21.23 15.88
CA SER F 103 -1.77 20.17 14.85
C SER F 103 -0.96 18.95 15.26
N VAL F 104 -1.33 17.79 14.73
CA VAL F 104 -0.64 16.56 15.09
C VAL F 104 0.83 16.61 14.69
N ASP F 105 1.15 17.28 13.59
CA ASP F 105 2.56 17.38 13.19
C ASP F 105 3.32 18.30 14.14
N GLN F 106 2.70 19.41 14.52
CA GLN F 106 3.34 20.35 15.45
C GLN F 106 3.57 19.66 16.81
N GLU F 107 2.61 18.82 17.22
CA GLU F 107 2.72 18.13 18.50
C GLU F 107 3.96 17.25 18.49
N ARG F 108 4.13 16.46 17.43
CA ARG F 108 5.29 15.59 17.35
C ARG F 108 6.58 16.41 17.26
N LYS F 109 6.53 17.56 16.61
CA LYS F 109 7.71 18.40 16.51
C LYS F 109 8.09 19.07 17.83
N VAL F 110 7.15 19.75 18.47
CA VAL F 110 7.50 20.43 19.71
C VAL F 110 7.73 19.54 20.92
N LEU F 111 7.21 18.31 20.87
CA LEU F 111 7.45 17.41 21.99
C LEU F 111 8.59 16.45 21.64
N GLU F 112 9.15 16.62 20.43
CA GLU F 112 10.27 15.82 19.94
C GLU F 112 10.04 14.32 20.11
N GLY F 113 8.91 13.83 19.62
CA GLY F 113 8.64 12.43 19.78
C GLY F 113 8.66 11.74 18.45
N GLU F 114 8.75 10.42 18.47
CA GLU F 114 8.73 9.66 17.24
C GLU F 114 7.40 9.90 16.55
N PRO F 115 7.43 9.96 15.21
CA PRO F 115 6.21 10.18 14.43
C PRO F 115 5.24 9.01 14.62
N TYR F 116 3.95 9.31 14.62
CA TYR F 116 2.92 8.28 14.79
C TYR F 116 2.91 7.30 13.63
N LEU G 7 -0.79 22.00 41.25
CA LEU G 7 0.04 21.31 40.23
C LEU G 7 1.52 21.38 40.58
N LYS G 8 2.22 20.26 40.40
CA LYS G 8 3.66 20.18 40.68
C LYS G 8 4.30 19.12 39.77
N GLY G 9 5.59 18.88 39.96
CA GLY G 9 6.28 17.87 39.17
C GLY G 9 5.48 16.58 39.26
N ALA G 10 4.94 16.14 38.11
CA ALA G 10 4.13 14.93 38.04
C ALA G 10 4.93 13.64 37.91
N LEU G 11 6.21 13.70 38.22
CA LEU G 11 7.09 12.53 38.10
C LEU G 11 6.47 11.28 38.72
N PRO G 12 6.65 10.11 38.08
CA PRO G 12 6.12 8.85 38.57
C PRO G 12 6.84 8.31 39.79
N ASN G 13 6.35 7.21 40.34
CA ASN G 13 6.94 6.62 41.54
C ASN G 13 8.27 5.91 41.33
N PHE G 14 9.24 6.19 42.19
CA PHE G 14 10.54 5.57 42.09
C PHE G 14 10.46 4.05 42.09
N ILE G 15 11.15 3.43 41.15
CA ILE G 15 11.19 1.98 41.02
C ILE G 15 12.60 1.49 41.31
N PRO G 16 12.74 0.41 42.11
CA PRO G 16 14.07 -0.13 42.43
C PRO G 16 14.75 -0.69 41.20
N GLY G 17 15.91 -0.16 40.87
CA GLY G 17 16.62 -0.67 39.70
C GLY G 17 16.25 0.07 38.43
N LEU G 18 15.23 0.93 38.48
CA LEU G 18 14.84 1.71 37.29
C LEU G 18 14.51 3.16 37.59
N GLY G 19 14.56 3.55 38.85
CA GLY G 19 14.29 4.92 39.23
C GLY G 19 13.02 5.51 38.66
N THR G 20 13.02 6.83 38.42
CA THR G 20 11.87 7.50 37.84
C THR G 20 11.88 7.14 36.36
N LEU G 21 10.88 6.37 35.94
CA LEU G 21 10.82 5.88 34.57
C LEU G 21 9.82 6.61 33.65
N TYR G 22 10.31 7.11 32.51
CA TYR G 22 9.46 7.79 31.53
C TYR G 22 9.50 7.10 30.17
N VAL G 23 8.38 7.15 29.44
CA VAL G 23 8.31 6.56 28.11
C VAL G 23 7.17 7.24 27.31
N ASP G 24 7.37 7.39 26.00
CA ASP G 24 6.36 7.97 25.12
C ASP G 24 5.46 6.77 24.82
N PRO G 25 4.24 6.74 25.39
CA PRO G 25 3.31 5.62 25.17
C PRO G 25 3.13 5.18 23.73
N SER G 26 3.28 6.09 22.77
CA SER G 26 3.11 5.68 21.36
C SER G 26 4.26 4.85 20.85
N THR G 27 5.38 4.81 21.58
CA THR G 27 6.53 4.03 21.14
C THR G 27 6.62 2.66 21.81
N LEU G 28 5.63 2.32 22.60
CA LEU G 28 5.61 1.02 23.27
C LEU G 28 5.48 -0.09 22.23
N PRO G 29 5.96 -1.30 22.55
CA PRO G 29 6.57 -1.66 23.83
C PRO G 29 8.05 -1.32 24.00
N GLU G 30 8.79 -1.24 22.92
CA GLU G 30 10.22 -0.98 23.01
C GLU G 30 10.61 0.36 23.59
N GLY G 31 9.86 1.40 23.28
CA GLY G 31 10.19 2.72 23.79
C GLY G 31 11.20 3.44 22.94
N PRO G 32 12.41 3.75 23.44
CA PRO G 32 13.00 3.47 24.75
C PRO G 32 12.48 4.24 25.97
N PHE G 33 12.76 3.68 27.15
CA PHE G 33 12.39 4.27 28.43
C PHE G 33 13.59 5.10 28.93
N LEU G 34 13.31 6.19 29.65
CA LEU G 34 14.37 7.02 30.21
C LEU G 34 14.28 6.84 31.73
N ALA G 35 15.40 6.48 32.36
CA ALA G 35 15.43 6.25 33.79
C ALA G 35 16.27 7.32 34.51
N TYR G 36 15.63 8.05 35.41
CA TYR G 36 16.26 9.12 36.17
C TYR G 36 16.45 8.75 37.64
N ASP G 37 17.44 9.36 38.29
CA ASP G 37 17.72 9.14 39.71
C ASP G 37 16.92 10.15 40.53
N ARG G 38 16.84 9.93 41.85
CA ARG G 38 16.10 10.83 42.75
C ARG G 38 16.32 12.29 42.40
N ALA G 39 17.57 12.62 42.08
CA ALA G 39 17.98 13.99 41.74
C ALA G 39 17.49 14.48 40.37
N GLY G 40 16.88 13.61 39.59
CA GLY G 40 16.41 14.06 38.29
C GLY G 40 17.47 14.03 37.20
N ASN G 41 18.54 13.26 37.42
CA ASN G 41 19.57 13.12 36.39
C ASN G 41 19.24 11.84 35.62
N LEU G 42 19.56 11.83 34.33
CA LEU G 42 19.32 10.67 33.47
C LEU G 42 20.40 9.63 33.73
N VAL G 43 19.97 8.45 34.14
CA VAL G 43 20.91 7.39 34.46
C VAL G 43 21.08 6.41 33.30
N LYS G 44 19.98 6.04 32.65
CA LYS G 44 20.10 5.12 31.52
C LYS G 44 18.91 5.17 30.58
N VAL G 45 19.14 4.72 29.35
CA VAL G 45 18.14 4.68 28.29
C VAL G 45 17.90 3.19 28.14
N VAL G 46 16.63 2.79 28.12
CA VAL G 46 16.28 1.39 28.06
C VAL G 46 15.29 0.97 26.98
N PHE G 47 15.71 0.03 26.14
CA PHE G 47 14.85 -0.50 25.08
C PHE G 47 14.31 -1.82 25.67
N VAL G 49 12.64 -4.93 24.66
CA VAL G 49 12.33 -5.77 23.52
C VAL G 49 11.65 -7.08 23.93
N PRO G 50 10.46 -7.36 23.37
CA PRO G 50 9.80 -8.61 23.75
C PRO G 50 10.62 -9.78 23.20
N LEU G 51 10.95 -10.73 24.06
CA LEU G 51 11.73 -11.90 23.66
C LEU G 51 11.10 -12.57 22.43
N LYS G 52 9.78 -12.61 22.40
CA LYS G 52 9.05 -13.21 21.31
C LYS G 52 9.44 -12.60 19.97
N LYS G 53 9.57 -11.27 19.93
CA LYS G 53 9.92 -10.58 18.69
C LYS G 53 11.30 -11.04 18.21
N LEU G 54 12.26 -11.17 19.13
CA LEU G 54 13.59 -11.61 18.77
C LEU G 54 13.48 -13.04 18.21
N ASN G 55 12.79 -13.92 18.95
CA ASN G 55 12.59 -15.29 18.48
C ASN G 55 11.93 -15.31 17.09
N GLU G 56 11.19 -14.26 16.76
CA GLU G 56 10.56 -14.17 15.45
C GLU G 56 11.45 -13.46 14.44
N SER G 57 12.69 -13.16 14.83
CA SER G 57 13.61 -12.49 13.91
C SER G 57 13.12 -11.13 13.42
N HIS G 58 12.48 -10.37 14.29
CA HIS G 58 12.03 -9.06 13.88
C HIS G 58 13.29 -8.19 13.71
N LYS G 59 13.30 -7.43 12.63
CA LYS G 59 14.45 -6.57 12.33
C LYS G 59 14.17 -5.14 12.80
N TYR G 60 14.89 -4.70 13.82
CA TYR G 60 14.74 -3.35 14.35
C TYR G 60 15.79 -2.45 13.72
N VAL G 61 15.32 -1.45 12.97
CA VAL G 61 16.18 -0.51 12.27
C VAL G 61 15.82 0.94 12.62
N ASP G 62 16.82 1.72 13.04
CA ASP G 62 16.66 3.13 13.35
C ASP G 62 15.65 3.42 14.47
N ILE G 63 15.82 2.77 15.61
CA ILE G 63 14.89 3.00 16.67
C ILE G 63 15.49 3.93 17.72
N GLY G 64 14.63 4.66 18.41
CA GLY G 64 15.06 5.56 19.46
C GLY G 64 15.64 6.88 18.99
N THR G 65 15.55 7.12 17.68
CA THR G 65 16.10 8.31 17.06
C THR G 65 15.81 9.65 17.72
N LYS G 66 14.53 10.03 17.81
CA LYS G 66 14.18 11.32 18.41
C LYS G 66 14.67 11.42 19.83
N THR G 67 14.47 10.36 20.62
CA THR G 67 14.91 10.42 21.99
C THR G 67 16.40 10.63 22.11
N LEU G 68 17.17 9.73 21.49
CA LEU G 68 18.63 9.82 21.54
C LEU G 68 19.19 11.13 21.02
N ARG G 69 18.58 11.67 19.96
CA ARG G 69 19.03 12.93 19.38
C ARG G 69 18.81 14.06 20.36
N ALA G 70 17.66 14.02 21.03
CA ALA G 70 17.31 15.05 22.01
C ALA G 70 18.19 14.96 23.26
N LEU G 71 18.64 13.76 23.60
CA LEU G 71 19.46 13.58 24.79
C LEU G 71 20.95 13.82 24.55
N GLY G 72 21.31 14.14 23.31
CA GLY G 72 22.70 14.40 22.97
C GLY G 72 23.69 13.63 23.83
N ILE G 73 23.45 12.32 24.00
CA ILE G 73 24.34 11.50 24.84
C ILE G 73 25.65 11.36 24.09
N THR G 74 26.73 11.82 24.72
CA THR G 74 28.05 11.77 24.10
C THR G 74 28.85 10.62 24.67
N ARG G 75 28.55 10.26 25.92
CA ARG G 75 29.29 9.18 26.57
C ARG G 75 28.43 8.12 27.22
N ILE G 76 28.63 6.89 26.75
CA ILE G 76 27.94 5.76 27.31
C ILE G 76 29.00 5.04 28.13
N ASP G 77 28.74 4.87 29.42
CA ASP G 77 29.70 4.18 30.28
C ASP G 77 29.76 2.69 29.95
N HIS G 78 28.61 2.04 29.91
CA HIS G 78 28.54 0.62 29.58
C HIS G 78 27.16 0.24 29.05
N VAL G 79 27.07 -0.99 28.58
CA VAL G 79 25.84 -1.52 28.03
C VAL G 79 25.45 -2.79 28.81
N ASN G 80 24.16 -2.95 29.07
CA ASN G 80 23.64 -4.14 29.74
C ASN G 80 22.53 -4.70 28.86
N ILE G 82 19.84 -7.30 29.98
CA ILE G 82 19.27 -8.05 31.07
C ILE G 82 17.88 -8.57 30.81
N PRO G 83 17.60 -9.81 31.21
CA PRO G 83 16.25 -10.34 30.99
C PRO G 83 15.41 -9.45 31.91
N SER G 84 14.16 -9.20 31.56
CA SER G 84 13.33 -8.32 32.37
C SER G 84 13.02 -8.86 33.76
N GLY G 85 13.27 -8.03 34.77
CA GLY G 85 12.98 -8.42 36.14
C GLY G 85 11.49 -8.61 36.28
N PRO G 86 11.02 -9.16 37.42
CA PRO G 86 9.59 -9.36 37.61
C PRO G 86 8.85 -8.03 37.78
N HIS G 87 7.80 -7.82 36.98
CA HIS G 87 7.03 -6.58 37.07
C HIS G 87 5.54 -6.86 37.06
N PRO G 88 4.80 -6.20 37.95
CA PRO G 88 3.35 -6.32 38.12
C PRO G 88 2.59 -6.13 36.80
N GLY G 89 1.72 -7.09 36.49
CA GLY G 89 0.95 -7.00 35.25
C GLY G 89 1.77 -7.37 34.03
N VAL G 90 3.10 -7.36 34.18
CA VAL G 90 3.97 -7.69 33.06
C VAL G 90 4.16 -9.19 32.98
N SER G 91 3.55 -9.79 31.96
CA SER G 91 3.62 -11.22 31.75
C SER G 91 4.73 -11.63 30.78
N GLU G 92 4.53 -11.36 29.49
CA GLU G 92 5.51 -11.73 28.47
C GLU G 92 6.92 -11.27 28.79
N PRO G 93 7.90 -12.15 28.63
CA PRO G 93 9.30 -11.83 28.91
C PRO G 93 9.85 -10.82 27.91
N HIS G 94 10.69 -9.92 28.40
CA HIS G 94 11.33 -8.91 27.57
C HIS G 94 12.79 -8.87 27.95
N TYR G 95 13.58 -8.24 27.08
CA TYR G 95 14.99 -8.08 27.36
C TYR G 95 15.17 -6.58 27.40
N HIS G 96 15.98 -6.14 28.34
CA HIS G 96 16.25 -4.73 28.49
C HIS G 96 17.64 -4.49 27.94
N ILE G 97 17.69 -3.66 26.91
CA ILE G 97 18.94 -3.28 26.31
C ILE G 97 19.10 -1.89 26.91
N GLU G 98 20.11 -1.76 27.77
CA GLU G 98 20.37 -0.53 28.50
C GLU G 98 21.66 0.17 28.13
N LEU G 99 21.57 1.48 27.92
CA LEU G 99 22.71 2.30 27.58
C LEU G 99 22.86 3.14 28.85
N VAL G 100 23.83 2.76 29.66
CA VAL G 100 24.07 3.40 30.95
C VAL G 100 25.11 4.50 30.92
N LEU G 101 24.72 5.67 31.43
CA LEU G 101 25.57 6.85 31.43
C LEU G 101 26.42 7.05 32.68
N VAL G 102 26.39 6.06 33.57
CA VAL G 102 27.21 6.13 34.77
C VAL G 102 27.82 4.76 35.02
N SER G 103 28.82 4.72 35.88
CA SER G 103 29.50 3.48 36.21
C SER G 103 28.52 2.48 36.77
N VAL G 104 28.88 1.21 36.67
CA VAL G 104 28.04 0.14 37.18
C VAL G 104 27.75 0.35 38.65
N ASP G 105 28.74 0.83 39.39
CA ASP G 105 28.55 1.07 40.81
C ASP G 105 27.56 2.19 41.02
N GLN G 106 27.80 3.31 40.36
CA GLN G 106 26.93 4.47 40.50
C GLN G 106 25.50 4.14 40.09
N GLU G 107 25.37 3.24 39.11
CA GLU G 107 24.06 2.85 38.62
C GLU G 107 23.29 2.16 39.72
N ARG G 108 23.94 1.18 40.37
CA ARG G 108 23.29 0.45 41.45
C ARG G 108 22.98 1.39 42.61
N LYS G 109 23.87 2.33 42.86
CA LYS G 109 23.66 3.27 43.95
C LYS G 109 22.46 4.18 43.73
N VAL G 110 22.57 5.07 42.74
CA VAL G 110 21.52 6.05 42.42
C VAL G 110 20.13 5.52 42.06
N LEU G 111 20.04 4.29 41.58
CA LEU G 111 18.75 3.71 41.23
C LEU G 111 18.21 2.84 42.35
N GLU G 112 18.92 2.83 43.49
CA GLU G 112 18.49 2.05 44.65
C GLU G 112 18.16 0.60 44.31
N GLY G 113 18.98 -0.01 43.44
CA GLY G 113 18.75 -1.39 43.04
C GLY G 113 19.78 -2.38 43.55
N GLU G 114 19.37 -3.62 43.76
CA GLU G 114 20.27 -4.66 44.27
C GLU G 114 21.52 -4.85 43.42
N PRO G 115 22.69 -4.99 44.09
CA PRO G 115 23.99 -5.18 43.41
C PRO G 115 24.03 -6.44 42.54
N GLY H 9 45.93 -5.47 0.55
CA GLY H 9 45.65 -4.73 1.82
C GLY H 9 46.38 -5.31 3.02
N ALA H 10 47.09 -4.46 3.75
CA ALA H 10 47.84 -4.89 4.93
C ALA H 10 47.06 -4.68 6.22
N LEU H 11 45.75 -4.43 6.07
CA LEU H 11 44.87 -4.20 7.21
C LEU H 11 43.48 -4.69 6.82
N PRO H 12 42.61 -4.99 7.82
CA PRO H 12 41.26 -5.46 7.49
C PRO H 12 40.63 -4.70 6.31
N ASN H 13 39.87 -5.43 5.50
CA ASN H 13 39.21 -4.86 4.33
C ASN H 13 37.94 -4.09 4.69
N PHE H 14 37.58 -3.15 3.83
CA PHE H 14 36.34 -2.41 4.00
C PHE H 14 35.32 -3.30 3.29
N ILE H 15 34.26 -3.72 3.96
CA ILE H 15 33.25 -4.58 3.34
C ILE H 15 31.91 -3.87 3.23
N PRO H 16 31.41 -3.67 1.99
CA PRO H 16 30.12 -3.00 1.73
C PRO H 16 29.03 -3.51 2.68
N GLY H 17 28.34 -2.57 3.32
CA GLY H 17 27.30 -2.93 4.26
C GLY H 17 27.81 -3.15 5.69
N LEU H 18 29.11 -3.37 5.84
CA LEU H 18 29.73 -3.61 7.17
C LEU H 18 30.81 -2.62 7.56
N GLY H 19 31.56 -2.15 6.57
CA GLY H 19 32.67 -1.23 6.81
C GLY H 19 33.94 -2.00 7.15
N THR H 20 34.87 -1.35 7.82
CA THR H 20 36.12 -2.00 8.20
C THR H 20 35.91 -2.31 9.67
N LEU H 21 35.96 -3.60 10.01
CA LEU H 21 35.71 -4.08 11.36
C LEU H 21 36.90 -4.36 12.26
N TYR H 22 36.82 -3.85 13.48
CA TYR H 22 37.85 -4.04 14.49
C TYR H 22 37.19 -4.53 15.77
N VAL H 23 37.94 -5.27 16.58
CA VAL H 23 37.40 -5.76 17.84
C VAL H 23 38.54 -6.09 18.81
N ASP H 24 38.29 -5.97 20.10
CA ASP H 24 39.30 -6.32 21.09
C ASP H 24 39.17 -7.84 21.20
N PRO H 25 40.22 -8.58 20.82
CA PRO H 25 40.16 -10.04 20.88
C PRO H 25 39.65 -10.60 22.21
N SER H 26 39.96 -9.92 23.31
CA SER H 26 39.53 -10.44 24.60
C SER H 26 38.06 -10.18 24.94
N THR H 27 37.34 -9.42 24.12
CA THR H 27 35.94 -9.13 24.40
C THR H 27 35.01 -10.08 23.65
N LEU H 28 35.60 -11.00 22.90
CA LEU H 28 34.82 -11.95 22.14
C LEU H 28 34.06 -12.92 23.07
N PRO H 29 32.95 -13.50 22.57
CA PRO H 29 32.45 -13.25 21.22
C PRO H 29 31.50 -12.05 21.11
N GLU H 30 31.02 -11.52 22.23
CA GLU H 30 30.08 -10.40 22.19
C GLU H 30 30.64 -9.08 21.69
N GLY H 31 31.94 -8.87 21.86
CA GLY H 31 32.55 -7.64 21.41
C GLY H 31 32.52 -6.54 22.44
N PRO H 32 32.10 -5.31 22.07
CA PRO H 32 31.64 -4.89 20.75
C PRO H 32 32.65 -4.80 19.60
N PHE H 33 32.11 -4.84 18.40
CA PHE H 33 32.89 -4.71 17.19
C PHE H 33 32.72 -3.26 16.78
N LEU H 34 33.78 -2.67 16.25
CA LEU H 34 33.75 -1.27 15.80
C LEU H 34 33.79 -1.25 14.28
N ALA H 35 32.87 -0.50 13.66
CA ALA H 35 32.81 -0.42 12.20
C ALA H 35 33.17 0.97 11.71
N TYR H 36 34.18 1.04 10.85
CA TYR H 36 34.65 2.32 10.31
C TYR H 36 34.35 2.50 8.83
N ASP H 37 34.09 3.75 8.41
CA ASP H 37 33.86 4.02 6.99
C ASP H 37 35.24 4.14 6.33
N ARG H 38 35.27 4.37 5.02
CA ARG H 38 36.54 4.44 4.31
C ARG H 38 37.47 5.55 4.78
N ALA H 39 36.91 6.62 5.32
CA ALA H 39 37.69 7.75 5.81
C ALA H 39 38.25 7.55 7.21
N GLY H 40 37.96 6.40 7.82
CA GLY H 40 38.46 6.18 9.17
C GLY H 40 37.55 6.66 10.29
N ASN H 41 36.37 7.17 9.98
CA ASN H 41 35.42 7.63 11.00
C ASN H 41 34.68 6.44 11.61
N LEU H 42 34.47 6.44 12.93
CA LEU H 42 33.74 5.36 13.57
C LEU H 42 32.26 5.56 13.26
N VAL H 43 31.64 4.58 12.61
CA VAL H 43 30.21 4.67 12.25
C VAL H 43 29.30 4.03 13.29
N LYS H 44 29.68 2.86 13.80
CA LYS H 44 28.83 2.23 14.78
C LYS H 44 29.57 1.22 15.66
N VAL H 45 28.95 0.91 16.78
CA VAL H 45 29.46 -0.03 17.77
C VAL H 45 28.47 -1.22 17.79
N VAL H 46 28.95 -2.43 17.51
CA VAL H 46 28.06 -3.60 17.44
C VAL H 46 28.31 -4.74 18.45
N PHE H 47 27.27 -5.11 19.20
CA PHE H 47 27.36 -6.20 20.15
C PHE H 47 26.68 -7.43 19.51
N VAL H 49 25.03 -11.18 20.12
CA VAL H 49 24.54 -12.10 21.14
C VAL H 49 23.73 -13.22 20.51
N PRO H 50 23.89 -14.45 21.02
CA PRO H 50 23.16 -15.61 20.50
C PRO H 50 21.75 -15.57 21.03
N LEU H 51 20.77 -15.86 20.19
CA LEU H 51 19.38 -15.85 20.62
C LEU H 51 19.24 -16.82 21.79
N LYS H 52 19.84 -17.99 21.62
CA LYS H 52 19.82 -19.05 22.63
C LYS H 52 20.14 -18.55 24.04
N LYS H 53 21.17 -17.72 24.17
CA LYS H 53 21.54 -17.20 25.49
C LYS H 53 20.46 -16.30 26.09
N LEU H 54 19.73 -15.62 25.22
CA LEU H 54 18.63 -14.72 25.61
C LEU H 54 17.48 -15.58 26.10
N ASN H 55 17.18 -16.65 25.37
CA ASN H 55 16.11 -17.56 25.75
C ASN H 55 16.41 -18.25 27.08
N GLU H 56 17.68 -18.40 27.40
CA GLU H 56 18.10 -19.01 28.66
C GLU H 56 18.26 -17.93 29.74
N SER H 57 17.73 -16.74 29.46
CA SER H 57 17.78 -15.60 30.38
C SER H 57 19.17 -15.23 30.88
N HIS H 58 20.17 -15.31 30.02
CA HIS H 58 21.51 -14.95 30.45
C HIS H 58 21.57 -13.46 30.70
N LYS H 59 22.27 -13.08 31.77
CA LYS H 59 22.40 -11.67 32.11
C LYS H 59 23.71 -11.08 31.67
N TYR H 60 23.63 -10.16 30.73
CA TYR H 60 24.80 -9.47 30.22
C TYR H 60 24.84 -8.15 30.98
N VAL H 61 25.84 -8.00 31.82
CA VAL H 61 25.96 -6.79 32.59
C VAL H 61 27.32 -6.19 32.29
N ASP H 62 27.40 -4.86 32.37
CA ASP H 62 28.66 -4.18 32.15
C ASP H 62 29.41 -4.67 30.90
N ILE H 63 28.76 -4.65 29.75
CA ILE H 63 29.43 -5.10 28.52
C ILE H 63 30.09 -3.90 27.79
N GLY H 64 31.06 -4.21 26.93
CA GLY H 64 31.77 -3.19 26.18
C GLY H 64 32.36 -2.03 26.97
N THR H 65 32.55 -2.23 28.26
CA THR H 65 33.07 -1.14 29.08
C THR H 65 34.48 -0.73 28.67
N LYS H 66 35.37 -1.72 28.50
CA LYS H 66 36.76 -1.44 28.14
C LYS H 66 36.80 -0.63 26.85
N THR H 67 36.30 -1.24 25.78
CA THR H 67 36.27 -0.62 24.46
C THR H 67 35.55 0.72 24.45
N LEU H 68 34.39 0.79 25.08
CA LEU H 68 33.63 2.05 25.12
C LEU H 68 34.42 3.14 25.82
N ARG H 69 35.15 2.78 26.87
CA ARG H 69 35.96 3.75 27.60
C ARG H 69 37.06 4.34 26.73
N ALA H 70 37.75 3.50 25.97
CA ALA H 70 38.83 3.98 25.12
C ALA H 70 38.36 4.64 23.84
N LEU H 71 37.04 4.73 23.64
CA LEU H 71 36.51 5.35 22.43
C LEU H 71 36.36 6.86 22.59
N GLY H 72 35.56 7.26 23.58
CA GLY H 72 35.35 8.68 23.81
C GLY H 72 33.94 9.14 23.48
N ILE H 73 33.83 10.40 23.06
CA ILE H 73 32.53 10.97 22.72
C ILE H 73 32.01 10.25 21.49
N THR H 74 30.75 9.86 21.53
CA THR H 74 30.15 9.15 20.42
C THR H 74 28.95 9.87 19.84
N ARG H 75 28.06 10.31 20.72
CA ARG H 75 26.84 10.97 20.29
C ARG H 75 26.07 9.96 19.46
N ILE H 76 25.28 9.14 20.13
CA ILE H 76 24.51 8.11 19.48
C ILE H 76 23.30 8.67 18.75
N ASP H 77 23.09 8.21 17.51
CA ASP H 77 21.99 8.68 16.69
C ASP H 77 20.76 7.78 16.79
N HIS H 78 20.97 6.48 16.59
CA HIS H 78 19.89 5.52 16.68
C HIS H 78 20.44 4.16 17.00
N VAL H 79 19.54 3.20 17.19
CA VAL H 79 19.92 1.85 17.51
C VAL H 79 19.29 0.87 16.50
N ASN H 80 20.02 -0.19 16.14
CA ASN H 80 19.45 -1.23 15.27
C ASN H 80 19.61 -2.55 16.02
N ILE H 82 19.46 -6.26 14.58
CA ILE H 82 19.34 -7.08 13.37
C ILE H 82 19.60 -8.57 13.63
N PRO H 83 18.66 -9.44 13.25
CA PRO H 83 18.83 -10.88 13.44
C PRO H 83 19.78 -11.42 12.38
N SER H 84 20.59 -12.39 12.76
CA SER H 84 21.54 -12.99 11.83
C SER H 84 21.68 -14.50 12.02
N GLY H 85 21.72 -15.24 10.92
CA GLY H 85 21.91 -16.67 10.99
C GLY H 85 20.72 -17.53 11.40
N PRO H 86 20.84 -18.85 11.24
CA PRO H 86 22.02 -19.54 10.71
C PRO H 86 22.22 -19.48 9.20
N HIS H 87 23.47 -19.63 8.77
CA HIS H 87 23.85 -19.63 7.36
C HIS H 87 25.29 -20.16 7.33
N PRO H 88 25.85 -20.42 6.15
CA PRO H 88 27.23 -20.93 6.11
C PRO H 88 28.15 -20.05 6.96
N GLY H 89 28.71 -20.57 8.05
CA GLY H 89 29.57 -19.71 8.84
C GLY H 89 28.95 -19.16 10.11
N VAL H 90 27.65 -19.39 10.31
CA VAL H 90 26.95 -18.97 11.51
C VAL H 90 26.00 -20.11 11.81
N SER H 91 26.36 -20.94 12.79
CA SER H 91 25.59 -22.12 13.14
C SER H 91 24.30 -21.94 13.91
N GLU H 92 24.12 -20.78 14.52
CA GLU H 92 22.88 -20.53 15.26
C GLU H 92 22.50 -19.06 15.20
N PRO H 93 21.22 -18.76 15.48
CA PRO H 93 20.68 -17.41 15.47
C PRO H 93 21.34 -16.43 16.46
N HIS H 94 21.63 -15.23 15.97
CA HIS H 94 22.22 -14.19 16.80
C HIS H 94 21.50 -12.87 16.52
N TYR H 95 21.77 -11.88 17.36
CA TYR H 95 21.25 -10.56 17.16
C TYR H 95 22.42 -9.61 17.23
N HIS H 96 22.45 -8.68 16.28
CA HIS H 96 23.49 -7.67 16.19
C HIS H 96 22.83 -6.43 16.82
N ILE H 97 23.31 -5.98 17.98
CA ILE H 97 22.78 -4.80 18.64
C ILE H 97 23.71 -3.66 18.26
N GLU H 98 23.20 -2.75 17.44
CA GLU H 98 24.03 -1.66 16.95
C GLU H 98 23.72 -0.28 17.52
N LEU H 99 24.78 0.42 17.94
CA LEU H 99 24.69 1.79 18.41
C LEU H 99 25.34 2.55 17.24
N VAL H 100 24.51 3.19 16.43
CA VAL H 100 24.94 3.90 15.23
C VAL H 100 25.15 5.40 15.50
N LEU H 101 26.31 5.91 15.10
CA LEU H 101 26.68 7.30 15.39
C LEU H 101 26.40 8.35 14.33
N VAL H 102 25.58 7.99 13.34
CA VAL H 102 25.19 8.89 12.28
C VAL H 102 23.76 8.48 11.92
N SER H 103 23.10 9.29 11.10
CA SER H 103 21.71 9.01 10.69
C SER H 103 21.62 7.67 9.97
N VAL H 104 20.42 7.09 9.95
CA VAL H 104 20.27 5.81 9.30
C VAL H 104 20.65 5.90 7.81
N ASP H 105 20.31 7.00 7.13
CA ASP H 105 20.65 7.14 5.71
C ASP H 105 22.16 7.32 5.52
N GLN H 106 22.77 8.07 6.42
CA GLN H 106 24.21 8.30 6.33
C GLN H 106 24.98 6.99 6.55
N GLU H 107 24.48 6.16 7.47
CA GLU H 107 25.11 4.87 7.78
C GLU H 107 25.12 4.01 6.52
N ARG H 108 23.98 3.89 5.87
CA ARG H 108 23.90 3.10 4.63
C ARG H 108 24.81 3.69 3.54
N LYS H 109 24.89 5.02 3.51
CA LYS H 109 25.73 5.69 2.54
C LYS H 109 27.22 5.45 2.78
N VAL H 110 27.71 5.74 3.98
CA VAL H 110 29.13 5.58 4.21
C VAL H 110 29.62 4.14 4.30
N LEU H 111 28.74 3.21 4.67
CA LEU H 111 29.19 1.84 4.72
C LEU H 111 28.85 1.17 3.39
N GLU H 112 28.30 1.95 2.46
CA GLU H 112 27.89 1.51 1.12
C GLU H 112 27.08 0.19 1.13
N GLY H 113 26.04 0.15 1.96
CA GLY H 113 25.27 -1.08 2.04
C GLY H 113 23.95 -0.96 1.33
N GLU H 114 23.24 -2.08 1.18
CA GLU H 114 21.95 -2.06 0.50
C GLU H 114 20.97 -1.33 1.42
N PRO H 115 20.05 -0.54 0.83
CA PRO H 115 19.07 0.19 1.63
C PRO H 115 18.22 -0.78 2.48
N TYR H 116 17.80 -0.35 3.66
CA TYR H 116 17.00 -1.20 4.55
C TYR H 116 15.60 -1.46 4.00
N GLU I 5 45.89 -0.70 18.63
CA GLU I 5 46.00 -0.84 20.11
C GLU I 5 45.63 -2.27 20.47
N ALA I 6 44.60 -2.40 21.29
CA ALA I 6 44.12 -3.72 21.68
C ALA I 6 43.13 -4.18 20.61
N LEU I 7 42.81 -3.26 19.70
CA LEU I 7 41.88 -3.56 18.61
C LEU I 7 42.57 -4.22 17.43
N LYS I 8 42.04 -5.36 17.02
CA LYS I 8 42.56 -6.12 15.89
C LYS I 8 41.46 -6.22 14.86
N GLY I 9 41.81 -6.46 13.61
CA GLY I 9 40.82 -6.57 12.57
C GLY I 9 39.89 -7.72 12.90
N ALA I 10 38.59 -7.53 12.68
CA ALA I 10 37.63 -8.59 12.97
C ALA I 10 37.33 -9.37 11.70
N LEU I 11 37.58 -10.67 11.71
CA LEU I 11 37.35 -11.51 10.53
C LEU I 11 36.59 -12.80 10.82
N PRO I 12 35.51 -13.04 10.07
CA PRO I 12 34.68 -14.25 10.22
C PRO I 12 35.45 -15.54 10.00
N ASN I 13 34.77 -16.66 10.21
CA ASN I 13 35.38 -17.99 10.06
C ASN I 13 35.68 -18.37 8.63
N PHE I 14 36.69 -19.23 8.48
CA PHE I 14 37.10 -19.72 7.18
C PHE I 14 36.41 -21.06 6.91
N ILE I 15 35.52 -21.05 5.94
CA ILE I 15 34.76 -22.24 5.54
C ILE I 15 35.43 -22.86 4.31
N PRO I 16 36.02 -24.05 4.46
CA PRO I 16 36.65 -24.65 3.28
C PRO I 16 35.64 -24.61 2.14
N GLY I 17 36.11 -24.25 0.95
CA GLY I 17 35.20 -24.17 -0.18
C GLY I 17 34.52 -22.83 -0.24
N LEU I 18 34.52 -22.11 0.88
CA LEU I 18 33.87 -20.80 0.89
C LEU I 18 34.78 -19.67 1.38
N GLY I 19 35.81 -20.03 2.13
CA GLY I 19 36.76 -19.05 2.64
C GLY I 19 36.19 -18.22 3.78
N THR I 20 36.66 -16.98 3.87
CA THR I 20 36.24 -16.03 4.88
C THR I 20 35.01 -15.37 4.29
N LEU I 21 33.86 -15.81 4.78
CA LEU I 21 32.56 -15.38 4.31
C LEU I 21 31.95 -14.20 5.10
N TYR I 22 31.76 -13.09 4.42
CA TYR I 22 31.19 -11.88 5.03
C TYR I 22 29.81 -11.67 4.43
N VAL I 23 28.92 -11.06 5.19
CA VAL I 23 27.58 -10.72 4.70
C VAL I 23 26.94 -9.66 5.60
N ASP I 24 26.30 -8.67 4.98
CA ASP I 24 25.61 -7.62 5.72
C ASP I 24 24.35 -8.36 6.18
N PRO I 25 24.21 -8.62 7.50
CA PRO I 25 23.04 -9.35 8.01
C PRO I 25 21.68 -8.80 7.66
N SER I 26 21.60 -7.51 7.32
CA SER I 26 20.31 -6.92 6.97
C SER I 26 19.86 -7.36 5.58
N THR I 27 20.76 -7.95 4.80
CA THR I 27 20.41 -8.40 3.44
C THR I 27 20.09 -9.90 3.38
N LEU I 28 20.08 -10.59 4.52
CA LEU I 28 19.78 -12.02 4.54
C LEU I 28 18.36 -12.31 4.05
N PRO I 29 18.12 -13.50 3.50
CA PRO I 29 19.06 -14.62 3.29
C PRO I 29 19.95 -14.51 2.05
N GLU I 30 19.47 -13.83 1.01
CA GLU I 30 20.20 -13.73 -0.24
C GLU I 30 21.60 -13.12 -0.21
N GLY I 31 21.81 -12.10 0.61
CA GLY I 31 23.11 -11.46 0.64
C GLY I 31 23.21 -10.39 -0.43
N PRO I 32 24.17 -10.47 -1.35
CA PRO I 32 25.20 -11.50 -1.49
C PRO I 32 26.24 -11.59 -0.39
N PHE I 33 26.79 -12.79 -0.23
CA PHE I 33 27.83 -13.05 0.73
C PHE I 33 29.10 -12.74 -0.08
N LEU I 34 30.16 -12.33 0.60
CA LEU I 34 31.44 -12.06 -0.09
C LEU I 34 32.44 -13.05 0.46
N ALA I 35 33.09 -13.80 -0.42
CA ALA I 35 34.07 -14.81 -0.01
C ALA I 35 35.52 -14.43 -0.32
N TYR I 36 36.33 -14.33 0.73
CA TYR I 36 37.75 -13.97 0.59
C TYR I 36 38.69 -15.13 0.91
N ASP I 37 39.88 -15.11 0.33
CA ASP I 37 40.84 -16.16 0.63
C ASP I 37 41.65 -15.67 1.82
N ARG I 38 42.60 -16.47 2.29
CA ARG I 38 43.43 -16.13 3.44
C ARG I 38 44.14 -14.79 3.31
N ALA I 39 44.56 -14.47 2.09
CA ALA I 39 45.30 -13.24 1.81
C ALA I 39 44.46 -11.97 1.81
N GLY I 40 43.14 -12.12 1.79
CA GLY I 40 42.27 -10.95 1.81
C GLY I 40 41.79 -10.52 0.44
N ASN I 41 41.89 -11.41 -0.55
CA ASN I 41 41.41 -11.10 -1.91
C ASN I 41 39.99 -11.62 -2.07
N LEU I 42 39.12 -10.82 -2.70
CA LEU I 42 37.76 -11.25 -2.95
C LEU I 42 37.81 -12.34 -4.02
N VAL I 43 37.34 -13.54 -3.71
CA VAL I 43 37.35 -14.63 -4.68
C VAL I 43 36.03 -14.76 -5.44
N LYS I 44 34.92 -14.47 -4.77
CA LYS I 44 33.63 -14.60 -5.43
C LYS I 44 32.49 -13.95 -4.68
N VAL I 45 31.45 -13.57 -5.42
CA VAL I 45 30.27 -12.94 -4.84
C VAL I 45 29.23 -14.05 -4.85
N VAL I 46 28.60 -14.29 -3.72
CA VAL I 46 27.63 -15.39 -3.63
C VAL I 46 26.21 -14.98 -3.25
N PHE I 47 25.26 -15.17 -4.16
CA PHE I 47 23.86 -14.89 -3.85
C PHE I 47 23.32 -16.22 -3.27
N VAL I 49 20.33 -18.14 -2.60
CA VAL I 49 18.94 -18.24 -2.96
C VAL I 49 18.16 -19.46 -2.45
N PRO I 50 17.09 -19.23 -1.69
CA PRO I 50 16.25 -20.30 -1.14
C PRO I 50 15.52 -21.05 -2.27
N LEU I 51 15.67 -22.37 -2.33
CA LEU I 51 15.01 -23.18 -3.36
C LEU I 51 13.49 -22.98 -3.27
N LYS I 52 12.98 -22.89 -2.04
CA LYS I 52 11.56 -22.70 -1.81
C LYS I 52 11.04 -21.48 -2.57
N LYS I 53 11.77 -20.37 -2.55
CA LYS I 53 11.33 -19.16 -3.26
C LYS I 53 11.36 -19.39 -4.76
N LEU I 54 12.33 -20.14 -5.25
CA LEU I 54 12.37 -20.43 -6.67
C LEU I 54 11.16 -21.30 -7.06
N ASN I 55 10.80 -22.25 -6.21
CA ASN I 55 9.65 -23.10 -6.49
C ASN I 55 8.36 -22.26 -6.45
N GLU I 56 8.42 -21.13 -5.75
CA GLU I 56 7.28 -20.24 -5.66
C GLU I 56 7.26 -19.23 -6.81
N SER I 57 8.25 -19.34 -7.69
CA SER I 57 8.36 -18.44 -8.83
C SER I 57 8.65 -16.99 -8.41
N HIS I 58 9.36 -16.78 -7.30
CA HIS I 58 9.72 -15.43 -6.86
C HIS I 58 10.55 -14.73 -7.95
N LYS I 59 10.29 -13.45 -8.19
CA LYS I 59 11.06 -12.68 -9.18
C LYS I 59 12.10 -11.87 -8.44
N TYR I 60 13.37 -12.21 -8.63
CA TYR I 60 14.46 -11.47 -8.00
C TYR I 60 14.88 -10.43 -9.03
N VAL I 61 14.72 -9.15 -8.68
CA VAL I 61 15.08 -8.06 -9.59
C VAL I 61 16.03 -7.06 -8.90
N ASP I 62 17.08 -6.61 -9.58
CA ASP I 62 18.00 -5.61 -9.04
C ASP I 62 18.59 -5.99 -7.70
N ILE I 63 19.17 -7.19 -7.59
CA ILE I 63 19.75 -7.58 -6.32
C ILE I 63 21.27 -7.39 -6.31
N GLY I 64 21.83 -7.06 -5.14
CA GLY I 64 23.26 -6.86 -4.99
C GLY I 64 23.81 -5.58 -5.55
N THR I 65 22.91 -4.67 -5.90
CA THR I 65 23.30 -3.39 -6.50
C THR I 65 24.38 -2.59 -5.79
N LYS I 66 24.17 -2.22 -4.53
CA LYS I 66 25.16 -1.41 -3.80
C LYS I 66 26.47 -2.15 -3.64
N THR I 67 26.39 -3.42 -3.26
CA THR I 67 27.58 -4.21 -3.08
C THR I 67 28.36 -4.31 -4.39
N LEU I 68 27.67 -4.64 -5.48
CA LEU I 68 28.37 -4.77 -6.75
C LEU I 68 28.97 -3.43 -7.14
N ARG I 69 28.23 -2.34 -6.94
CA ARG I 69 28.79 -1.04 -7.30
C ARG I 69 30.03 -0.72 -6.48
N ALA I 70 30.03 -1.09 -5.20
CA ALA I 70 31.15 -0.82 -4.33
C ALA I 70 32.40 -1.66 -4.65
N LEU I 71 32.20 -2.87 -5.17
CA LEU I 71 33.30 -3.75 -5.51
C LEU I 71 33.97 -3.35 -6.81
N GLY I 72 33.18 -2.79 -7.73
CA GLY I 72 33.72 -2.37 -9.01
C GLY I 72 34.32 -3.54 -9.78
N ILE I 73 33.48 -4.54 -10.03
CA ILE I 73 33.88 -5.74 -10.74
C ILE I 73 33.71 -5.62 -12.25
N THR I 74 34.82 -5.64 -12.97
CA THR I 74 34.78 -5.50 -14.42
C THR I 74 35.04 -6.84 -15.13
N ARG I 75 35.54 -7.81 -14.36
CA ARG I 75 35.85 -9.10 -14.95
C ARG I 75 35.42 -10.30 -14.11
N ILE I 76 34.49 -11.07 -14.67
CA ILE I 76 34.00 -12.27 -14.03
C ILE I 76 34.71 -13.40 -14.76
N ASP I 77 35.41 -14.28 -14.03
CA ASP I 77 36.09 -15.40 -14.67
C ASP I 77 35.08 -16.50 -15.01
N HIS I 78 34.22 -16.86 -14.06
CA HIS I 78 33.21 -17.87 -14.34
C HIS I 78 32.10 -17.86 -13.30
N VAL I 79 30.98 -18.47 -13.68
CA VAL I 79 29.81 -18.57 -12.81
C VAL I 79 29.56 -20.02 -12.35
N ASN I 80 29.16 -20.16 -11.09
CA ASN I 80 28.79 -21.44 -10.50
C ASN I 80 27.37 -21.29 -9.96
N ILE I 82 25.47 -23.80 -7.66
CA ILE I 82 25.56 -25.07 -6.97
C ILE I 82 24.74 -25.08 -5.68
N PRO I 83 24.27 -26.27 -5.30
CA PRO I 83 23.48 -26.39 -4.08
C PRO I 83 24.30 -26.12 -2.85
N SER I 84 23.71 -25.45 -1.88
CA SER I 84 24.42 -25.14 -0.65
C SER I 84 24.72 -26.41 0.12
N GLY I 85 23.81 -27.38 0.02
CA GLY I 85 24.03 -28.61 0.76
C GLY I 85 23.81 -28.30 2.22
N PRO I 86 24.05 -29.27 3.13
CA PRO I 86 23.84 -29.00 4.56
C PRO I 86 24.88 -28.10 5.21
N HIS I 87 24.46 -27.42 6.27
CA HIS I 87 25.31 -26.53 7.05
C HIS I 87 24.78 -26.56 8.48
N PRO I 88 25.66 -26.52 9.48
CA PRO I 88 25.16 -26.55 10.85
C PRO I 88 24.14 -25.44 11.11
N GLY I 89 22.97 -25.84 11.60
CA GLY I 89 21.90 -24.90 11.89
C GLY I 89 21.04 -24.56 10.69
N VAL I 90 21.55 -24.80 9.48
CA VAL I 90 20.80 -24.49 8.28
C VAL I 90 19.87 -25.63 7.89
N SER I 91 18.57 -25.36 7.95
CA SER I 91 17.57 -26.37 7.65
C SER I 91 16.82 -26.22 6.32
N GLU I 92 17.07 -25.15 5.57
CA GLU I 92 16.40 -24.97 4.28
C GLU I 92 17.43 -25.01 3.17
N PRO I 93 17.11 -25.66 2.05
CA PRO I 93 18.08 -25.73 0.96
C PRO I 93 18.15 -24.40 0.21
N HIS I 94 19.36 -24.08 -0.26
CA HIS I 94 19.62 -22.86 -1.00
C HIS I 94 20.57 -23.16 -2.14
N TYR I 95 20.54 -22.31 -3.16
CA TYR I 95 21.47 -22.42 -4.27
C TYR I 95 22.43 -21.24 -4.16
N HIS I 96 23.69 -21.52 -4.46
CA HIS I 96 24.73 -20.52 -4.46
C HIS I 96 24.92 -20.06 -5.88
N ILE I 97 24.51 -18.82 -6.15
CA ILE I 97 24.71 -18.25 -7.47
C ILE I 97 26.05 -17.54 -7.25
N GLU I 98 27.08 -18.03 -7.91
CA GLU I 98 28.41 -17.46 -7.69
C GLU I 98 29.08 -16.76 -8.85
N LEU I 99 29.60 -15.56 -8.59
CA LEU I 99 30.33 -14.80 -9.60
C LEU I 99 31.75 -14.95 -9.08
N VAL I 100 32.48 -15.88 -9.70
CA VAL I 100 33.85 -16.17 -9.30
C VAL I 100 34.83 -15.30 -10.09
N LEU I 101 35.69 -14.59 -9.37
CA LEU I 101 36.63 -13.68 -10.00
C LEU I 101 37.95 -14.29 -10.43
N VAL I 102 38.17 -15.55 -10.08
CA VAL I 102 39.43 -16.21 -10.45
C VAL I 102 39.16 -17.53 -11.18
N SER I 103 40.21 -18.16 -11.70
CA SER I 103 40.09 -19.43 -12.41
C SER I 103 39.48 -20.45 -11.49
N VAL I 104 38.87 -21.49 -12.06
CA VAL I 104 38.27 -22.52 -11.25
C VAL I 104 39.34 -23.26 -10.45
N ASP I 105 40.54 -23.40 -11.02
CA ASP I 105 41.63 -24.07 -10.29
C ASP I 105 42.11 -23.18 -9.14
N GLN I 106 42.26 -21.88 -9.41
CA GLN I 106 42.70 -20.97 -8.36
C GLN I 106 41.66 -21.00 -7.22
N GLU I 107 40.37 -21.03 -7.61
CA GLU I 107 39.28 -21.07 -6.62
C GLU I 107 39.38 -22.28 -5.68
N ARG I 108 39.61 -23.46 -6.22
CA ARG I 108 39.70 -24.65 -5.38
C ARG I 108 40.90 -24.48 -4.46
N LYS I 109 41.97 -23.93 -5.02
CA LYS I 109 43.19 -23.71 -4.25
C LYS I 109 42.96 -22.79 -3.05
N VAL I 110 42.77 -21.50 -3.32
CA VAL I 110 42.60 -20.49 -2.28
C VAL I 110 41.46 -20.69 -1.29
N LEU I 111 40.40 -21.37 -1.70
CA LEU I 111 39.30 -21.59 -0.76
C LEU I 111 39.51 -22.93 -0.04
N GLU I 112 40.66 -23.56 -0.31
CA GLU I 112 41.00 -24.82 0.31
C GLU I 112 39.81 -25.75 0.28
N GLY I 113 39.20 -25.87 -0.90
CA GLY I 113 38.05 -26.73 -1.08
C GLY I 113 38.47 -27.93 -1.91
N ASN J 2 10.29 2.24 -49.14
CA ASN J 2 10.67 3.52 -48.49
C ASN J 2 11.90 3.36 -47.59
N VAL J 3 12.48 4.49 -47.18
CA VAL J 3 13.65 4.50 -46.31
C VAL J 3 13.39 3.78 -44.99
N SER J 4 12.32 4.19 -44.31
CA SER J 4 11.93 3.60 -43.03
C SER J 4 11.85 2.07 -43.09
N GLU J 5 11.01 1.57 -43.99
CA GLU J 5 10.81 0.14 -44.16
C GLU J 5 12.15 -0.54 -44.50
N ALA J 6 12.94 0.12 -45.34
CA ALA J 6 14.24 -0.38 -45.76
C ALA J 6 15.19 -0.51 -44.57
N LEU J 7 15.20 0.51 -43.71
CA LEU J 7 16.05 0.54 -42.52
C LEU J 7 15.79 -0.64 -41.58
N LYS J 8 14.53 -0.84 -41.23
CA LYS J 8 14.17 -1.93 -40.34
C LYS J 8 14.65 -3.27 -40.88
N GLY J 9 14.47 -3.48 -42.17
CA GLY J 9 14.91 -4.72 -42.78
C GLY J 9 16.41 -4.89 -42.64
N ALA J 10 17.14 -3.79 -42.79
CA ALA J 10 18.58 -3.80 -42.67
C ALA J 10 19.04 -3.86 -41.22
N LEU J 11 18.11 -3.78 -40.28
CA LEU J 11 18.45 -3.83 -38.86
C LEU J 11 18.19 -5.21 -38.25
N PRO J 12 19.03 -5.62 -37.28
CA PRO J 12 18.94 -6.91 -36.58
C PRO J 12 17.66 -7.04 -35.78
N ASN J 13 17.19 -8.28 -35.62
CA ASN J 13 15.96 -8.52 -34.87
C ASN J 13 16.13 -8.21 -33.39
N PHE J 14 15.36 -7.24 -32.93
CA PHE J 14 15.40 -6.78 -31.56
C PHE J 14 14.02 -7.06 -30.98
N ILE J 15 13.95 -7.76 -29.85
CA ILE J 15 12.66 -8.08 -29.23
C ILE J 15 12.44 -7.29 -27.95
N PRO J 16 11.34 -6.51 -27.89
CA PRO J 16 11.03 -5.70 -26.72
C PRO J 16 11.09 -6.48 -25.44
N GLY J 17 11.95 -6.06 -24.53
CA GLY J 17 12.07 -6.75 -23.27
C GLY J 17 13.18 -7.79 -23.28
N LEU J 18 13.72 -8.10 -24.45
CA LEU J 18 14.79 -9.07 -24.54
C LEU J 18 16.03 -8.50 -25.18
N GLY J 19 15.82 -7.68 -26.21
CA GLY J 19 16.91 -7.07 -26.95
C GLY J 19 17.27 -7.95 -28.13
N THR J 20 18.50 -7.80 -28.62
CA THR J 20 19.03 -8.60 -29.72
C THR J 20 19.90 -9.68 -29.06
N LEU J 21 19.47 -10.93 -29.16
CA LEU J 21 20.19 -12.00 -28.51
C LEU J 21 21.18 -12.80 -29.35
N TYR J 22 22.24 -13.24 -28.69
CA TYR J 22 23.28 -14.04 -29.31
C TYR J 22 23.65 -15.08 -28.26
N VAL J 23 24.12 -16.24 -28.71
CA VAL J 23 24.57 -17.28 -27.81
C VAL J 23 25.51 -18.22 -28.58
N ASP J 24 26.60 -18.65 -27.95
CA ASP J 24 27.51 -19.58 -28.62
C ASP J 24 26.81 -20.93 -28.55
N PRO J 25 26.35 -21.46 -29.70
CA PRO J 25 25.64 -22.75 -29.84
C PRO J 25 26.20 -23.90 -29.02
N SER J 26 27.53 -23.96 -28.89
CA SER J 26 28.15 -25.03 -28.13
C SER J 26 27.97 -24.90 -26.61
N THR J 27 27.42 -23.78 -26.15
CA THR J 27 27.22 -23.58 -24.72
C THR J 27 25.77 -23.84 -24.31
N LEU J 28 24.97 -24.26 -25.27
CA LEU J 28 23.57 -24.57 -24.99
C LEU J 28 23.46 -25.84 -24.13
N PRO J 29 22.40 -25.96 -23.31
CA PRO J 29 21.31 -25.00 -23.12
C PRO J 29 21.56 -23.86 -22.10
N GLU J 30 22.57 -23.96 -21.25
CA GLU J 30 22.82 -22.91 -20.24
C GLU J 30 23.29 -21.56 -20.80
N GLY J 31 24.08 -21.59 -21.86
CA GLY J 31 24.58 -20.36 -22.45
C GLY J 31 25.92 -19.93 -21.85
N PRO J 32 26.04 -18.67 -21.38
CA PRO J 32 25.03 -17.61 -21.33
C PRO J 32 24.64 -16.97 -22.65
N PHE J 33 23.43 -16.43 -22.69
CA PHE J 33 22.93 -15.72 -23.86
C PHE J 33 23.41 -14.30 -23.65
N LEU J 34 23.60 -13.55 -24.72
CA LEU J 34 24.05 -12.17 -24.61
C LEU J 34 22.96 -11.32 -25.20
N ALA J 35 22.56 -10.29 -24.45
CA ALA J 35 21.50 -9.38 -24.86
C ALA J 35 22.06 -8.00 -25.15
N TYR J 36 21.85 -7.53 -26.36
CA TYR J 36 22.34 -6.23 -26.78
C TYR J 36 21.19 -5.24 -27.07
N ASP J 37 21.44 -3.94 -26.84
CA ASP J 37 20.41 -2.94 -27.13
C ASP J 37 20.48 -2.58 -28.61
N ARG J 38 19.64 -1.65 -29.03
CA ARG J 38 19.63 -1.23 -30.44
C ARG J 38 20.93 -0.60 -30.95
N ALA J 39 21.79 -0.14 -30.05
CA ALA J 39 23.06 0.46 -30.43
C ALA J 39 24.15 -0.60 -30.50
N GLY J 40 23.85 -1.80 -30.02
CA GLY J 40 24.83 -2.87 -30.04
C GLY J 40 25.67 -2.94 -28.77
N ASN J 41 25.22 -2.28 -27.70
CA ASN J 41 25.93 -2.33 -26.42
C ASN J 41 25.45 -3.58 -25.70
N LEU J 42 26.36 -4.28 -25.04
CA LEU J 42 25.99 -5.48 -24.28
C LEU J 42 25.25 -4.96 -23.03
N VAL J 43 24.05 -5.50 -22.79
CA VAL J 43 23.23 -5.09 -21.66
C VAL J 43 23.29 -6.09 -20.51
N LYS J 44 23.15 -7.36 -20.84
CA LYS J 44 23.18 -8.40 -19.83
C LYS J 44 23.67 -9.77 -20.35
N VAL J 45 24.07 -10.60 -19.41
CA VAL J 45 24.57 -11.93 -19.69
C VAL J 45 23.60 -12.83 -18.94
N VAL J 46 22.91 -13.69 -19.68
CA VAL J 46 21.88 -14.54 -19.09
C VAL J 46 22.12 -16.02 -19.14
N PHE J 47 22.08 -16.65 -17.97
CA PHE J 47 22.24 -18.10 -17.89
C PHE J 47 20.86 -18.74 -17.73
N VAL J 49 18.66 -22.05 -16.66
CA VAL J 49 18.72 -23.30 -15.89
C VAL J 49 17.32 -23.84 -15.65
N PRO J 50 17.11 -25.15 -15.82
CA PRO J 50 15.76 -25.67 -15.57
C PRO J 50 15.55 -25.75 -14.05
N LEU J 51 14.35 -25.40 -13.61
CA LEU J 51 14.02 -25.45 -12.19
C LEU J 51 14.17 -26.88 -11.67
N LYS J 52 13.81 -27.86 -12.50
CA LYS J 52 13.89 -29.27 -12.09
C LYS J 52 15.35 -29.63 -11.73
N LYS J 53 16.31 -29.13 -12.50
CA LYS J 53 17.73 -29.41 -12.21
C LYS J 53 18.08 -28.87 -10.84
N LEU J 54 17.61 -27.64 -10.55
CA LEU J 54 17.86 -27.02 -9.25
C LEU J 54 17.28 -27.90 -8.15
N ASN J 55 16.06 -28.40 -8.37
CA ASN J 55 15.40 -29.26 -7.39
C ASN J 55 16.15 -30.60 -7.27
N GLU J 56 16.88 -30.97 -8.32
CA GLU J 56 17.66 -32.23 -8.31
C GLU J 56 19.06 -31.99 -7.76
N SER J 57 19.32 -30.76 -7.33
CA SER J 57 20.62 -30.39 -6.76
C SER J 57 21.79 -30.59 -7.70
N HIS J 58 21.55 -30.37 -8.98
CA HIS J 58 22.59 -30.47 -9.99
C HIS J 58 23.69 -29.44 -9.69
N LYS J 59 24.94 -29.79 -9.97
CA LYS J 59 26.05 -28.87 -9.73
C LYS J 59 26.55 -28.20 -10.98
N TYR J 60 26.20 -26.93 -11.16
CA TYR J 60 26.66 -26.16 -12.30
C TYR J 60 27.95 -25.47 -11.85
N VAL J 61 29.10 -25.95 -12.33
CA VAL J 61 30.36 -25.33 -11.97
C VAL J 61 31.13 -24.87 -13.21
N ASP J 62 31.87 -23.78 -13.06
CA ASP J 62 32.67 -23.26 -14.17
C ASP J 62 31.85 -23.06 -15.43
N ILE J 63 30.69 -22.44 -15.28
CA ILE J 63 29.80 -22.19 -16.42
C ILE J 63 30.16 -20.84 -17.06
N GLY J 64 29.84 -20.74 -18.35
CA GLY J 64 30.10 -19.53 -19.11
C GLY J 64 31.54 -19.06 -19.26
N THR J 65 32.51 -19.90 -18.92
CA THR J 65 33.91 -19.47 -19.01
C THR J 65 34.31 -19.00 -20.41
N LYS J 66 34.08 -19.81 -21.43
CA LYS J 66 34.44 -19.46 -22.80
C LYS J 66 33.82 -18.14 -23.24
N THR J 67 32.50 -18.02 -23.12
CA THR J 67 31.85 -16.79 -23.56
C THR J 67 32.32 -15.55 -22.79
N LEU J 68 32.47 -15.68 -21.48
CA LEU J 68 32.90 -14.56 -20.65
C LEU J 68 34.29 -14.05 -20.99
N ARG J 69 35.19 -14.98 -21.30
CA ARG J 69 36.57 -14.65 -21.63
C ARG J 69 36.56 -13.71 -22.84
N ALA J 70 35.70 -14.05 -23.81
CA ALA J 70 35.59 -13.27 -25.03
C ALA J 70 34.88 -11.92 -24.84
N LEU J 71 34.42 -11.63 -23.62
CA LEU J 71 33.73 -10.38 -23.36
C LEU J 71 34.63 -9.28 -22.82
N GLY J 72 35.51 -9.63 -21.89
CA GLY J 72 36.41 -8.64 -21.32
C GLY J 72 35.74 -7.80 -20.24
N ILE J 73 35.79 -6.48 -20.39
CA ILE J 73 35.21 -5.54 -19.43
C ILE J 73 33.69 -5.59 -19.34
N THR J 74 33.18 -6.12 -18.22
CA THR J 74 31.75 -6.23 -18.00
C THR J 74 31.16 -5.18 -17.03
N ARG J 75 31.75 -5.03 -15.85
CA ARG J 75 31.23 -4.06 -14.88
C ARG J 75 29.78 -4.43 -14.54
N ILE J 76 29.61 -5.32 -13.58
CA ILE J 76 28.29 -5.79 -13.18
C ILE J 76 27.58 -4.76 -12.30
N ASP J 77 26.35 -4.43 -12.68
CA ASP J 77 25.58 -3.46 -11.92
C ASP J 77 24.69 -4.22 -10.94
N HIS J 78 23.96 -5.20 -11.45
CA HIS J 78 23.07 -5.98 -10.59
C HIS J 78 22.73 -7.33 -11.19
N VAL J 79 22.04 -8.15 -10.39
CA VAL J 79 21.63 -9.48 -10.83
C VAL J 79 20.11 -9.63 -10.74
N ASN J 80 19.52 -10.37 -11.67
CA ASN J 80 18.09 -10.66 -11.64
C ASN J 80 17.99 -12.17 -11.74
N ILE J 82 14.84 -14.35 -12.90
CA ILE J 82 13.48 -14.35 -13.41
C ILE J 82 12.94 -15.74 -13.77
N PRO J 83 11.76 -16.10 -13.25
CA PRO J 83 11.24 -17.43 -13.62
C PRO J 83 10.65 -17.38 -15.02
N SER J 84 10.69 -18.51 -15.72
CA SER J 84 10.16 -18.62 -17.08
C SER J 84 9.59 -19.99 -17.43
N GLY J 85 8.55 -19.98 -18.24
CA GLY J 85 7.91 -21.22 -18.67
C GLY J 85 7.12 -21.86 -17.55
N PRO J 86 6.38 -22.93 -17.87
CA PRO J 86 6.31 -23.47 -19.22
C PRO J 86 5.29 -22.78 -20.14
N HIS J 87 5.59 -22.77 -21.43
CA HIS J 87 4.74 -22.19 -22.46
C HIS J 87 5.29 -22.72 -23.80
N PRO J 88 4.58 -22.46 -24.92
CA PRO J 88 5.10 -22.95 -26.20
C PRO J 88 6.58 -22.55 -26.34
N GLY J 89 7.42 -23.49 -26.72
CA GLY J 89 8.82 -23.18 -26.85
C GLY J 89 9.62 -23.48 -25.59
N VAL J 90 8.95 -23.65 -24.45
CA VAL J 90 9.63 -23.96 -23.20
C VAL J 90 8.84 -25.00 -22.42
N SER J 91 9.14 -26.26 -22.69
CA SER J 91 8.49 -27.41 -22.09
C SER J 91 8.50 -27.51 -20.56
N GLU J 92 9.37 -26.77 -19.89
CA GLU J 92 9.37 -26.85 -18.42
C GLU J 92 9.78 -25.53 -17.75
N PRO J 93 9.51 -25.38 -16.45
CA PRO J 93 9.87 -24.15 -15.74
C PRO J 93 11.38 -23.94 -15.71
N HIS J 94 11.78 -22.69 -15.92
CA HIS J 94 13.18 -22.30 -15.92
C HIS J 94 13.39 -21.04 -15.08
N TYR J 95 14.66 -20.69 -14.91
CA TYR J 95 15.05 -19.47 -14.26
C TYR J 95 16.15 -18.85 -15.11
N HIS J 96 16.03 -17.54 -15.33
CA HIS J 96 17.01 -16.80 -16.08
C HIS J 96 17.88 -16.06 -15.07
N ILE J 97 19.15 -16.43 -14.99
CA ILE J 97 20.06 -15.78 -14.06
C ILE J 97 20.75 -14.73 -14.92
N GLU J 98 20.48 -13.46 -14.62
CA GLU J 98 21.04 -12.37 -15.42
C GLU J 98 22.03 -11.48 -14.70
N LEU J 99 23.17 -11.25 -15.32
CA LEU J 99 24.20 -10.36 -14.76
C LEU J 99 23.99 -9.13 -15.63
N VAL J 100 23.40 -8.09 -15.06
CA VAL J 100 23.10 -6.90 -15.84
C VAL J 100 24.19 -5.84 -15.72
N LEU J 101 24.55 -5.26 -16.86
CA LEU J 101 25.63 -4.28 -16.91
C LEU J 101 25.26 -2.80 -16.83
N VAL J 102 23.99 -2.48 -16.64
CA VAL J 102 23.57 -1.08 -16.50
C VAL J 102 22.57 -1.09 -15.37
N SER J 103 22.17 0.08 -14.90
CA SER J 103 21.19 0.18 -13.81
C SER J 103 19.90 -0.53 -14.21
N VAL J 104 19.10 -0.93 -13.22
CA VAL J 104 17.84 -1.61 -13.53
C VAL J 104 16.88 -0.76 -14.38
N ASP J 105 16.82 0.55 -14.17
CA ASP J 105 15.93 1.36 -14.99
C ASP J 105 16.48 1.49 -16.42
N GLN J 106 17.79 1.65 -16.54
CA GLN J 106 18.40 1.76 -17.85
C GLN J 106 18.12 0.48 -18.63
N GLU J 107 18.07 -0.65 -17.93
CA GLU J 107 17.84 -1.95 -18.56
C GLU J 107 16.47 -2.03 -19.21
N ARG J 108 15.44 -1.70 -18.44
CA ARG J 108 14.07 -1.70 -18.99
C ARG J 108 13.99 -0.66 -20.09
N LYS J 109 14.78 0.38 -19.96
CA LYS J 109 14.74 1.42 -20.97
C LYS J 109 15.38 1.06 -22.30
N VAL J 110 16.61 0.56 -22.28
CA VAL J 110 17.27 0.24 -23.54
C VAL J 110 16.76 -1.03 -24.20
N LEU J 111 16.09 -1.88 -23.43
CA LEU J 111 15.52 -3.10 -24.00
C LEU J 111 14.03 -2.92 -24.27
N GLU J 112 13.57 -1.68 -24.10
CA GLU J 112 12.17 -1.32 -24.32
C GLU J 112 11.22 -2.36 -23.72
N GLY J 113 11.39 -2.65 -22.45
CA GLY J 113 10.52 -3.64 -21.81
C GLY J 113 9.59 -3.06 -20.76
N GLU J 114 8.58 -3.83 -20.36
CA GLU J 114 7.63 -3.40 -19.33
C GLU J 114 8.36 -3.32 -17.98
N PRO J 115 8.06 -2.30 -17.17
CA PRO J 115 8.71 -2.16 -15.86
C PRO J 115 8.42 -3.38 -14.99
N TYR J 116 9.38 -3.76 -14.15
CA TYR J 116 9.21 -4.95 -13.31
C TYR J 116 8.11 -4.76 -12.27
#